data_6CUR
#
_entry.id   6CUR
#
_cell.length_a   184.045
_cell.length_b   184.045
_cell.length_c   179.131
_cell.angle_alpha   90.00
_cell.angle_beta   90.00
_cell.angle_gamma   90.00
#
_symmetry.space_group_name_H-M   'I 4 2 2'
#
loop_
_entity.id
_entity.type
_entity.pdbx_description
1 polymer 'GTPase HRas'
2 polymer 'Son of sevenless homolog 1'
3 polymer 'GTPase HRas'
4 non-polymer 'PHOSPHOAMINOPHOSPHONIC ACID-GUANYLATE ESTER'
5 non-polymer 'MAGNESIUM ION'
6 non-polymer N~2~-(3-chloro-4-fluorophenyl)-N~4~-[(1R)-1-cyclopropylethyl]-8-(1,2,3,6-tetrahydropyridin-4-yl)quinazoline-2,4-diamine
7 non-polymer 'FORMIC ACID'
8 non-polymer GLYCEROL
9 non-polymer 'SODIUM ION'
10 water water
#
loop_
_entity_poly.entity_id
_entity_poly.type
_entity_poly.pdbx_seq_one_letter_code
_entity_poly.pdbx_strand_id
1 'polypeptide(L)'
;GMTEYKLVVVGAGGVGKSALTIQLIQNHFVDEYDPTIEDSYRKQVVIDGET(CSO)LLDILDTAGQEEASAMRDQYMRTG
EGFLCVFAINNTKSFEDIHQYREQIKRVKDSDDVPMVLVGNKCDLAARTVESRQAQDLARSYGIPYIETSAKTRQGVEDA
FYTLVREIRQH
;
A
2 'polypeptide(L)'
;GQMRLPSADVYRFAEPDSEENIIFEENMQPKAGIPIIKAGTVIKLIERLTYHMYADPNFVRTFLTTYRSFCKPQELLSLI
IERFEIPEPEPTEADRIAIENGDQPLSAELKRFRKEYIQPVQLRVLNVCRHWVEHHFYDFERDAYLLQRMEEFIGTVRGK
AMKKWVESITKIIQRKKIARDNGPGHNITFQSSPPTVEWHISRPGHIETFDLLTLHPIEIARQLTLLESDLYRAVQPSEL
VGSVWTKEDKEINSPNLLKMIRHTTNLTLWFEKCIVETENLEERVAVVSRIIEILQVFQELNNFNGVLEVVSAMNSSPVY
RLDHTFEQIPSRQKKILEEAHELSEDHYKKYLAKLRSINPPCVPFFGIYLTNILKTEEGNPEVLKRHGKELINFSKRRKV
AEITGEIQQYQNQPYCLRVESDIKRFFENLNPMGNSMEKEFTDYLFNKSLEIEPRNPKPLPRFPKKYSYPLKSPGVRPSN
PR
;
B
3 'polypeptide(L)'
;GMTEYKLVVVGAGGVGKSALTIQLIQNHFVDEYDPTIEDSYRKQVVIDGETCLLDILDTAGQEEYSAMRDQYMRTGEGFL
CVFAINNTKSFEDIHQYREQIKRVKDSDDVPMVLVGNKCDLAARTVESRQAQDLARSYGIPYIETSAKTRQGVEDAFYTL
VREIRQH
;
C
#
loop_
_chem_comp.id
_chem_comp.type
_chem_comp.name
_chem_comp.formula
FFY non-polymer N~2~-(3-chloro-4-fluorophenyl)-N~4~-[(1R)-1-cyclopropylethyl]-8-(1,2,3,6-tetrahydropyridin-4-yl)quinazoline-2,4-diamine 'C24 H25 Cl F N5'
FMT non-polymer 'FORMIC ACID' 'C H2 O2'
GNP non-polymer 'PHOSPHOAMINOPHOSPHONIC ACID-GUANYLATE ESTER' 'C10 H17 N6 O13 P3'
GOL non-polymer GLYCEROL 'C3 H8 O3'
MG non-polymer 'MAGNESIUM ION' 'Mg 2'
NA non-polymer 'SODIUM ION' 'Na 1'
#
# COMPACT_ATOMS: atom_id res chain seq x y z
N MET A 2 -17.80 -0.99 -3.58
CA MET A 2 -17.02 -0.15 -4.47
C MET A 2 -17.00 -0.71 -5.89
N THR A 3 -17.63 0.01 -6.82
CA THR A 3 -17.60 -0.37 -8.21
C THR A 3 -16.29 0.07 -8.84
N GLU A 4 -15.74 -0.76 -9.71
CA GLU A 4 -14.53 -0.44 -10.44
C GLU A 4 -14.89 0.01 -11.85
N TYR A 5 -14.21 1.06 -12.33
CA TYR A 5 -14.44 1.61 -13.68
C TYR A 5 -13.13 1.65 -14.44
N LYS A 6 -13.14 1.15 -15.68
CA LYS A 6 -11.93 1.12 -16.51
C LYS A 6 -12.00 2.25 -17.52
N LEU A 7 -11.23 3.32 -17.29
CA LEU A 7 -11.20 4.48 -18.17
C LEU A 7 -9.93 4.43 -18.99
N VAL A 8 -10.03 4.87 -20.25
CA VAL A 8 -8.88 4.91 -21.15
C VAL A 8 -8.79 6.31 -21.73
N VAL A 9 -7.59 6.89 -21.73
CA VAL A 9 -7.36 8.24 -22.24
C VAL A 9 -6.62 8.11 -23.58
N VAL A 10 -7.23 8.62 -24.66
CA VAL A 10 -6.67 8.47 -26.01
C VAL A 10 -6.62 9.82 -26.72
N GLY A 11 -5.82 9.89 -27.77
CA GLY A 11 -5.63 11.13 -28.51
C GLY A 11 -4.21 11.24 -29.06
N ALA A 12 -4.02 12.24 -29.92
CA ALA A 12 -2.75 12.41 -30.61
C ALA A 12 -1.59 12.70 -29.65
N GLY A 13 -0.37 12.44 -30.12
CA GLY A 13 0.80 12.74 -29.32
C GLY A 13 0.89 14.19 -28.88
N GLY A 14 1.18 14.41 -27.60
CA GLY A 14 1.46 15.72 -27.08
C GLY A 14 0.25 16.57 -26.72
N VAL A 15 -0.96 16.01 -26.76
CA VAL A 15 -2.13 16.84 -26.46
C VAL A 15 -2.33 17.03 -24.96
N GLY A 16 -1.67 16.24 -24.12
CA GLY A 16 -1.78 16.37 -22.68
C GLY A 16 -2.48 15.22 -21.96
N LYS A 17 -2.54 14.03 -22.56
CA LYS A 17 -3.21 12.90 -21.92
C LYS A 17 -2.56 12.58 -20.58
N SER A 18 -1.23 12.50 -20.57
CA SER A 18 -0.52 12.17 -19.32
C SER A 18 -0.63 13.29 -18.31
N ALA A 19 -0.48 14.54 -18.77
CA ALA A 19 -0.59 15.66 -17.85
C ALA A 19 -1.98 15.73 -17.21
N LEU A 20 -3.02 15.49 -18.00
CA LEU A 20 -4.38 15.43 -17.44
C LEU A 20 -4.48 14.36 -16.38
N THR A 21 -3.97 13.16 -16.68
CA THR A 21 -4.10 12.03 -15.77
C THR A 21 -3.32 12.27 -14.48
N ILE A 22 -2.09 12.78 -14.60
CA ILE A 22 -1.29 13.02 -13.40
C ILE A 22 -1.85 14.18 -12.57
N GLN A 23 -2.43 15.19 -13.23
CA GLN A 23 -3.13 16.23 -12.47
C GLN A 23 -4.28 15.64 -11.65
N LEU A 24 -5.06 14.75 -12.27
CA LEU A 24 -6.15 14.11 -11.55
C LEU A 24 -5.63 13.26 -10.39
N ILE A 25 -4.56 12.51 -10.62
CA ILE A 25 -4.11 11.52 -9.63
C ILE A 25 -3.33 12.18 -8.51
N GLN A 26 -2.43 13.11 -8.86
CA GLN A 26 -1.45 13.66 -7.92
C GLN A 26 -1.60 15.15 -7.65
N ASN A 27 -2.51 15.85 -8.32
CA ASN A 27 -2.64 17.31 -8.19
C ASN A 27 -1.36 18.04 -8.57
N HIS A 28 -0.63 17.49 -9.55
CA HIS A 28 0.67 18.01 -9.98
C HIS A 28 0.65 18.17 -11.50
N PHE A 29 1.18 19.28 -12.00
CA PHE A 29 1.30 19.51 -13.44
C PHE A 29 2.69 19.14 -13.93
N VAL A 30 2.75 18.26 -14.93
CA VAL A 30 4.01 17.80 -15.50
C VAL A 30 4.38 18.72 -16.66
N ASP A 31 5.55 19.37 -16.54
CA ASP A 31 6.03 20.26 -17.59
C ASP A 31 6.74 19.51 -18.71
N GLU A 32 7.38 18.39 -18.38
CA GLU A 32 8.12 17.62 -19.36
C GLU A 32 7.14 16.94 -20.33
N TYR A 33 7.66 16.64 -21.52
CA TYR A 33 6.95 15.92 -22.57
C TYR A 33 7.73 14.62 -22.76
N ASP A 34 7.38 13.59 -21.97
CA ASP A 34 7.93 12.24 -22.06
C ASP A 34 6.90 11.35 -22.74
N PRO A 35 7.07 10.99 -24.01
CA PRO A 35 6.02 10.22 -24.70
C PRO A 35 5.73 8.90 -24.03
N THR A 36 4.45 8.63 -23.83
CA THR A 36 3.99 7.45 -23.13
C THR A 36 4.00 6.23 -24.04
N ILE A 37 4.28 5.06 -23.46
CA ILE A 37 4.07 3.80 -24.15
C ILE A 37 2.73 3.23 -23.67
N GLU A 38 2.64 2.90 -22.37
CA GLU A 38 1.35 2.67 -21.73
C GLU A 38 1.54 2.71 -20.23
N ASP A 39 0.74 3.52 -19.54
CA ASP A 39 0.81 3.68 -18.09
C ASP A 39 -0.57 3.42 -17.50
N SER A 40 -0.57 3.03 -16.24
N SER A 40 -0.61 3.00 -16.24
CA SER A 40 -1.79 2.72 -15.51
CA SER A 40 -1.90 2.79 -15.60
C SER A 40 -1.80 3.50 -14.19
C SER A 40 -1.88 3.32 -14.17
N TYR A 41 -3.00 3.92 -13.77
CA TYR A 41 -3.17 4.56 -12.48
C TYR A 41 -4.46 4.09 -11.83
N ARG A 42 -4.53 4.21 -10.49
CA ARG A 42 -5.76 3.91 -9.78
C ARG A 42 -6.12 5.05 -8.84
N LYS A 43 -7.43 5.27 -8.68
CA LYS A 43 -7.91 6.35 -7.81
C LYS A 43 -9.23 5.97 -7.17
N GLN A 44 -9.26 5.93 -5.83
CA GLN A 44 -10.51 5.82 -5.09
C GLN A 44 -11.11 7.22 -4.91
N VAL A 45 -12.38 7.38 -5.26
CA VAL A 45 -13.00 8.70 -5.20
C VAL A 45 -14.51 8.52 -5.06
N VAL A 46 -15.15 9.43 -4.33
CA VAL A 46 -16.60 9.41 -4.18
C VAL A 46 -17.21 10.30 -5.24
N ILE A 47 -18.09 9.74 -6.06
CA ILE A 47 -18.74 10.47 -7.16
C ILE A 47 -20.24 10.31 -6.99
N ASP A 48 -20.97 11.43 -6.88
CA ASP A 48 -22.41 11.40 -6.63
C ASP A 48 -22.75 10.50 -5.45
N GLY A 49 -21.98 10.63 -4.38
CA GLY A 49 -22.21 9.93 -3.14
C GLY A 49 -21.89 8.46 -3.15
N GLU A 50 -21.29 7.94 -4.22
CA GLU A 50 -20.95 6.52 -4.30
C GLU A 50 -19.44 6.37 -4.46
N THR A 51 -18.83 5.50 -3.66
CA THR A 51 -17.39 5.32 -3.73
C THR A 51 -17.05 4.41 -4.89
N CSO A 52 -16.10 4.81 -5.72
CA CSO A 52 -15.58 3.83 -6.65
CB CSO A 52 -16.21 3.96 -8.00
SG CSO A 52 -16.03 5.64 -8.50
C CSO A 52 -14.10 3.91 -6.85
O CSO A 52 -13.41 4.77 -6.33
OD CSO A 52 -17.71 6.12 -8.35
N LEU A 53 -13.66 2.96 -7.65
CA LEU A 53 -12.26 2.78 -7.91
C LEU A 53 -12.06 2.97 -9.40
N LEU A 54 -11.33 4.02 -9.78
CA LEU A 54 -11.06 4.27 -11.19
C LEU A 54 -9.75 3.62 -11.57
N ASP A 55 -9.77 2.80 -12.61
CA ASP A 55 -8.54 2.32 -13.25
C ASP A 55 -8.37 3.15 -14.52
N ILE A 56 -7.27 3.87 -14.64
CA ILE A 56 -7.08 4.81 -15.74
C ILE A 56 -5.88 4.33 -16.56
N LEU A 57 -6.13 4.02 -17.83
CA LEU A 57 -5.07 3.64 -18.75
C LEU A 57 -4.67 4.85 -19.57
N ASP A 58 -3.40 5.19 -19.54
CA ASP A 58 -2.84 6.36 -20.24
C ASP A 58 -2.07 5.83 -21.44
N THR A 59 -2.52 6.16 -22.66
CA THR A 59 -2.05 5.46 -23.85
C THR A 59 -1.09 6.32 -24.66
N ALA A 60 -0.50 5.67 -25.68
CA ALA A 60 0.49 6.31 -26.52
C ALA A 60 -0.16 7.06 -27.68
N GLY A 61 0.18 8.33 -27.83
CA GLY A 61 -0.30 9.12 -28.95
C GLY A 61 0.64 9.12 -30.14
N GLN A 62 1.92 8.79 -29.96
CA GLN A 62 2.84 8.83 -31.10
C GLN A 62 2.43 7.83 -32.17
N GLU A 63 2.60 8.22 -33.43
CA GLU A 63 2.09 7.38 -34.53
C GLU A 63 2.81 6.04 -34.60
N GLU A 64 4.05 5.97 -34.11
CA GLU A 64 4.80 4.73 -34.14
C GLU A 64 4.13 3.62 -33.31
N ALA A 65 3.21 3.97 -32.41
CA ALA A 65 2.49 2.96 -31.63
C ALA A 65 1.09 2.68 -32.17
N SER A 66 0.77 3.14 -33.39
CA SER A 66 -0.62 3.14 -33.84
C SER A 66 -1.17 1.75 -34.12
N ALA A 67 -0.31 0.73 -34.26
CA ALA A 67 -0.78 -0.62 -34.52
C ALA A 67 -1.04 -1.43 -33.25
N MET A 68 -0.95 -0.80 -32.07
CA MET A 68 -1.02 -1.53 -30.81
C MET A 68 -2.24 -1.15 -29.98
N ARG A 69 -3.31 -0.63 -30.61
CA ARG A 69 -4.42 -0.05 -29.86
C ARG A 69 -5.55 -1.03 -29.58
N ASP A 70 -5.79 -2.03 -30.43
CA ASP A 70 -6.94 -2.91 -30.21
C ASP A 70 -6.92 -3.50 -28.81
N GLN A 71 -5.73 -3.87 -28.32
CA GLN A 71 -5.65 -4.56 -27.03
C GLN A 71 -6.15 -3.69 -25.88
N TYR A 72 -5.89 -2.38 -25.90
CA TYR A 72 -6.41 -1.58 -24.80
C TYR A 72 -7.86 -1.15 -25.04
N MET A 73 -8.29 -1.04 -26.29
CA MET A 73 -9.67 -0.66 -26.54
C MET A 73 -10.62 -1.77 -26.14
N ARG A 74 -10.16 -3.03 -26.21
CA ARG A 74 -11.01 -4.14 -25.79
C ARG A 74 -11.32 -4.07 -24.31
N THR A 75 -10.35 -3.66 -23.50
CA THR A 75 -10.54 -3.71 -22.04
C THR A 75 -11.29 -2.49 -21.52
N GLY A 76 -11.22 -1.35 -22.21
CA GLY A 76 -11.75 -0.12 -21.63
C GLY A 76 -13.27 -0.09 -21.64
N GLU A 77 -13.83 0.47 -20.56
N GLU A 77 -13.84 0.52 -20.58
CA GLU A 77 -15.27 0.70 -20.50
CA GLU A 77 -15.27 0.70 -20.46
C GLU A 77 -15.67 2.03 -21.09
C GLU A 77 -15.74 2.09 -20.86
N GLY A 78 -14.83 3.06 -20.91
CA GLY A 78 -15.15 4.39 -21.38
C GLY A 78 -13.88 5.09 -21.79
N PHE A 79 -14.01 6.08 -22.69
CA PHE A 79 -12.84 6.69 -23.31
C PHE A 79 -12.90 8.21 -23.23
N LEU A 80 -11.81 8.83 -22.75
CA LEU A 80 -11.62 10.27 -22.89
C LEU A 80 -10.88 10.51 -24.20
N CYS A 81 -11.54 11.18 -25.15
CA CYS A 81 -10.94 11.44 -26.46
C CYS A 81 -10.39 12.86 -26.43
N VAL A 82 -9.07 12.99 -26.33
CA VAL A 82 -8.42 14.27 -26.02
C VAL A 82 -7.79 14.84 -27.28
N PHE A 83 -8.03 16.13 -27.53
CA PHE A 83 -7.24 16.91 -28.48
C PHE A 83 -6.79 18.19 -27.77
N ALA A 84 -5.90 18.95 -28.40
CA ALA A 84 -5.44 20.22 -27.82
C ALA A 84 -6.03 21.36 -28.63
N ILE A 85 -6.55 22.39 -27.95
CA ILE A 85 -7.27 23.43 -28.66
C ILE A 85 -6.36 24.35 -29.46
N ASN A 86 -5.04 24.20 -29.35
CA ASN A 86 -4.09 24.93 -30.19
C ASN A 86 -3.43 24.04 -31.24
N ASN A 87 -4.02 22.89 -31.56
N ASN A 87 -4.05 22.91 -31.58
CA ASN A 87 -3.43 21.98 -32.54
CA ASN A 87 -3.47 21.92 -32.49
C ASN A 87 -4.55 21.39 -33.38
C ASN A 87 -4.60 21.34 -33.35
N THR A 88 -4.75 21.96 -34.58
N THR A 88 -4.80 21.92 -34.54
CA THR A 88 -5.85 21.53 -35.44
CA THR A 88 -5.92 21.47 -35.37
C THR A 88 -5.71 20.07 -35.85
C THR A 88 -5.72 20.04 -35.87
N LYS A 89 -4.48 19.61 -36.09
CA LYS A 89 -4.29 18.23 -36.53
C LYS A 89 -4.77 17.25 -35.47
N SER A 90 -4.54 17.57 -34.19
CA SER A 90 -4.99 16.67 -33.12
C SER A 90 -6.52 16.58 -33.08
N PHE A 91 -7.21 17.67 -33.43
CA PHE A 91 -8.67 17.63 -33.53
C PHE A 91 -9.12 16.76 -34.70
N GLU A 92 -8.45 16.90 -35.84
CA GLU A 92 -8.77 16.05 -36.99
C GLU A 92 -8.47 14.57 -36.70
N ASP A 93 -7.55 14.28 -35.78
CA ASP A 93 -7.25 12.90 -35.43
C ASP A 93 -8.33 12.24 -34.57
N ILE A 94 -9.22 13.04 -33.96
CA ILE A 94 -10.23 12.48 -33.04
C ILE A 94 -11.08 11.43 -33.74
N HIS A 95 -11.49 11.69 -34.99
CA HIS A 95 -12.45 10.77 -35.58
C HIS A 95 -11.85 9.39 -35.82
N GLN A 96 -10.54 9.32 -36.09
N GLN A 96 -10.54 9.32 -36.06
CA GLN A 96 -9.88 8.01 -36.21
CA GLN A 96 -9.88 8.02 -36.22
C GLN A 96 -10.03 7.21 -34.93
C GLN A 96 -9.93 7.20 -34.94
N TYR A 97 -9.77 7.84 -33.78
CA TYR A 97 -9.92 7.13 -32.51
C TYR A 97 -11.36 6.73 -32.29
N ARG A 98 -12.30 7.64 -32.55
CA ARG A 98 -13.72 7.31 -32.40
C ARG A 98 -14.11 6.10 -33.24
N GLU A 99 -13.66 6.07 -34.50
CA GLU A 99 -14.04 4.98 -35.38
C GLU A 99 -13.39 3.67 -34.96
N GLN A 100 -12.13 3.72 -34.53
CA GLN A 100 -11.47 2.48 -34.11
C GLN A 100 -12.10 1.91 -32.84
N ILE A 101 -12.45 2.77 -31.88
CA ILE A 101 -13.10 2.28 -30.67
C ILE A 101 -14.41 1.58 -31.02
N LYS A 102 -15.21 2.21 -31.89
CA LYS A 102 -16.48 1.61 -32.28
C LYS A 102 -16.29 0.27 -32.97
N ARG A 103 -15.26 0.16 -33.82
N ARG A 103 -15.24 0.16 -33.79
CA ARG A 103 -15.01 -1.12 -34.50
CA ARG A 103 -14.97 -1.09 -34.52
C ARG A 103 -14.61 -2.19 -33.49
C ARG A 103 -14.54 -2.20 -33.56
N VAL A 104 -13.61 -1.89 -32.65
CA VAL A 104 -13.08 -2.90 -31.72
C VAL A 104 -14.17 -3.38 -30.78
N LYS A 105 -14.95 -2.46 -30.24
CA LYS A 105 -15.97 -2.84 -29.28
C LYS A 105 -17.28 -3.23 -29.96
N ASP A 106 -17.32 -3.17 -31.30
CA ASP A 106 -18.50 -3.57 -32.08
C ASP A 106 -19.76 -2.93 -31.53
N SER A 107 -19.72 -1.61 -31.36
CA SER A 107 -20.79 -0.91 -30.69
C SER A 107 -20.83 0.54 -31.13
N ASP A 108 -22.04 1.04 -31.34
CA ASP A 108 -22.33 2.44 -31.61
C ASP A 108 -22.53 3.25 -30.33
N ASP A 109 -22.46 2.61 -29.17
CA ASP A 109 -22.91 3.19 -27.91
C ASP A 109 -21.85 3.03 -26.81
N VAL A 110 -20.63 3.45 -27.10
CA VAL A 110 -19.53 3.35 -26.13
C VAL A 110 -19.44 4.64 -25.31
N PRO A 111 -19.37 4.56 -23.97
CA PRO A 111 -19.20 5.78 -23.17
C PRO A 111 -17.94 6.54 -23.59
N MET A 112 -18.12 7.81 -23.93
N MET A 112 -18.11 7.82 -23.92
CA MET A 112 -17.01 8.67 -24.36
CA MET A 112 -16.99 8.65 -24.33
C MET A 112 -17.27 10.10 -23.89
C MET A 112 -17.25 10.09 -23.92
N VAL A 113 -16.18 10.84 -23.75
CA VAL A 113 -16.23 12.29 -23.54
C VAL A 113 -15.19 12.93 -24.47
N LEU A 114 -15.58 14.00 -25.17
CA LEU A 114 -14.63 14.77 -25.99
C LEU A 114 -13.98 15.84 -25.12
N VAL A 115 -12.64 15.87 -25.12
CA VAL A 115 -11.90 16.77 -24.24
C VAL A 115 -11.02 17.69 -25.08
N GLY A 116 -11.22 18.99 -24.93
CA GLY A 116 -10.34 19.96 -25.56
C GLY A 116 -9.38 20.52 -24.53
N ASN A 117 -8.13 20.08 -24.56
CA ASN A 117 -7.17 20.39 -23.51
C ASN A 117 -6.32 21.61 -23.87
N LYS A 118 -5.58 22.10 -22.87
CA LYS A 118 -4.70 23.25 -22.95
C LYS A 118 -5.50 24.56 -23.05
N CYS A 119 -6.64 24.61 -22.37
CA CYS A 119 -7.50 25.78 -22.48
C CYS A 119 -6.96 26.99 -21.71
N ASP A 120 -5.86 26.82 -20.99
CA ASP A 120 -5.15 27.95 -20.38
C ASP A 120 -4.40 28.79 -21.40
N LEU A 121 -4.18 28.28 -22.61
CA LEU A 121 -3.40 28.98 -23.62
C LEU A 121 -4.29 29.91 -24.42
N ALA A 122 -3.85 31.15 -24.61
CA ALA A 122 -4.67 32.13 -25.33
C ALA A 122 -4.78 31.81 -26.82
N ALA A 123 -3.73 31.25 -27.41
CA ALA A 123 -3.63 31.11 -28.87
C ALA A 123 -4.37 29.87 -29.36
N ARG A 124 -5.70 29.93 -29.30
CA ARG A 124 -6.55 28.83 -29.74
C ARG A 124 -6.65 28.77 -31.26
N THR A 125 -6.62 27.55 -31.81
CA THR A 125 -6.87 27.34 -33.24
C THR A 125 -8.08 26.46 -33.54
N VAL A 126 -8.64 25.78 -32.55
CA VAL A 126 -9.88 25.01 -32.71
C VAL A 126 -10.96 25.73 -31.91
N GLU A 127 -12.01 26.18 -32.57
CA GLU A 127 -13.05 26.90 -31.87
C GLU A 127 -13.97 25.93 -31.12
N SER A 128 -14.48 26.40 -29.97
CA SER A 128 -15.36 25.56 -29.15
C SER A 128 -16.55 25.07 -29.95
N ARG A 129 -17.12 25.94 -30.81
CA ARG A 129 -18.29 25.56 -31.59
C ARG A 129 -18.01 24.36 -32.49
N GLN A 130 -16.86 24.35 -33.15
CA GLN A 130 -16.53 23.23 -34.03
C GLN A 130 -16.43 21.93 -33.24
N ALA A 131 -15.81 21.98 -32.06
CA ALA A 131 -15.71 20.78 -31.23
C ALA A 131 -17.08 20.37 -30.68
N GLN A 132 -17.89 21.34 -30.27
CA GLN A 132 -19.21 21.01 -29.77
C GLN A 132 -20.06 20.36 -30.84
N ASP A 133 -19.96 20.85 -32.09
CA ASP A 133 -20.70 20.23 -33.20
C ASP A 133 -20.32 18.77 -33.36
N LEU A 134 -19.02 18.47 -33.31
CA LEU A 134 -18.57 17.08 -33.42
C LEU A 134 -19.12 16.24 -32.28
N ALA A 135 -19.01 16.75 -31.04
CA ALA A 135 -19.51 16.02 -29.90
C ALA A 135 -20.99 15.70 -30.05
N ARG A 136 -21.81 16.66 -30.51
CA ARG A 136 -23.24 16.40 -30.68
C ARG A 136 -23.46 15.28 -31.70
N SER A 137 -22.66 15.27 -32.78
CA SER A 137 -22.78 14.21 -33.78
C SER A 137 -22.42 12.85 -33.22
N TYR A 138 -21.62 12.79 -32.15
CA TYR A 138 -21.30 11.56 -31.47
C TYR A 138 -22.25 11.24 -30.32
N GLY A 139 -23.10 12.20 -29.92
CA GLY A 139 -23.96 12.00 -28.78
C GLY A 139 -23.26 12.10 -27.44
N ILE A 140 -22.17 12.85 -27.35
CA ILE A 140 -21.35 12.86 -26.12
C ILE A 140 -21.09 14.31 -25.70
N PRO A 141 -20.78 14.53 -24.43
CA PRO A 141 -20.45 15.89 -23.98
C PRO A 141 -19.04 16.30 -24.40
N TYR A 142 -18.85 17.61 -24.43
CA TYR A 142 -17.57 18.24 -24.74
C TYR A 142 -17.14 19.07 -23.55
N ILE A 143 -15.92 18.84 -23.06
CA ILE A 143 -15.42 19.53 -21.86
C ILE A 143 -14.03 20.06 -22.18
N GLU A 144 -13.83 21.37 -21.99
CA GLU A 144 -12.51 21.96 -22.15
C GLU A 144 -11.76 21.94 -20.84
N THR A 145 -10.48 21.61 -20.91
CA THR A 145 -9.68 21.35 -19.72
C THR A 145 -8.33 22.05 -19.79
N SER A 146 -7.72 22.21 -18.62
CA SER A 146 -6.31 22.57 -18.54
C SER A 146 -5.64 21.67 -17.50
N ALA A 147 -4.70 20.83 -17.95
CA ALA A 147 -3.95 20.06 -16.98
C ALA A 147 -3.06 20.95 -16.13
N LYS A 148 -2.78 22.17 -16.60
CA LYS A 148 -1.91 23.08 -15.86
C LYS A 148 -2.63 23.76 -14.71
N THR A 149 -3.85 24.26 -14.95
CA THR A 149 -4.58 24.99 -13.93
C THR A 149 -5.61 24.14 -13.19
N ARG A 150 -5.91 22.92 -13.67
CA ARG A 150 -6.95 21.99 -13.20
C ARG A 150 -8.34 22.34 -13.73
N GLN A 151 -8.50 23.42 -14.49
CA GLN A 151 -9.82 23.75 -15.02
C GLN A 151 -10.40 22.56 -15.78
N GLY A 152 -11.61 22.14 -15.38
CA GLY A 152 -12.34 21.10 -16.10
C GLY A 152 -11.87 19.68 -15.89
N VAL A 153 -10.78 19.45 -15.16
CA VAL A 153 -10.16 18.12 -15.15
C VAL A 153 -11.05 17.11 -14.44
N GLU A 154 -11.52 17.43 -13.23
CA GLU A 154 -12.44 16.52 -12.54
C GLU A 154 -13.72 16.35 -13.35
N ASP A 155 -14.24 17.44 -13.93
CA ASP A 155 -15.46 17.36 -14.71
C ASP A 155 -15.32 16.36 -15.86
N ALA A 156 -14.17 16.36 -16.54
CA ALA A 156 -14.01 15.47 -17.69
C ALA A 156 -14.00 14.01 -17.25
N PHE A 157 -13.19 13.67 -16.25
CA PHE A 157 -13.09 12.27 -15.84
C PHE A 157 -14.37 11.80 -15.17
N TYR A 158 -14.97 12.62 -14.32
CA TYR A 158 -16.12 12.14 -13.57
C TYR A 158 -17.38 12.13 -14.44
N THR A 159 -17.46 12.99 -15.47
CA THR A 159 -18.53 12.84 -16.45
C THR A 159 -18.45 11.50 -17.16
N LEU A 160 -17.23 11.06 -17.50
CA LEU A 160 -17.06 9.75 -18.14
C LEU A 160 -17.52 8.64 -17.20
N VAL A 161 -17.18 8.73 -15.91
CA VAL A 161 -17.66 7.72 -14.97
C VAL A 161 -19.18 7.65 -14.99
N ARG A 162 -19.85 8.81 -14.96
CA ARG A 162 -21.31 8.83 -14.97
C ARG A 162 -21.88 8.18 -16.22
N GLU A 163 -21.21 8.31 -17.35
N GLU A 163 -21.24 8.38 -17.37
CA GLU A 163 -21.73 7.68 -18.56
CA GLU A 163 -21.67 7.71 -18.59
C GLU A 163 -21.52 6.18 -18.57
C GLU A 163 -21.58 6.20 -18.43
N ILE A 164 -20.44 5.70 -17.95
CA ILE A 164 -20.28 4.25 -17.77
C ILE A 164 -21.33 3.73 -16.79
N ARG A 165 -21.57 4.49 -15.71
CA ARG A 165 -22.48 4.02 -14.67
C ARG A 165 -23.89 3.80 -15.22
N GLN A 166 -24.32 4.64 -16.15
CA GLN A 166 -25.67 4.57 -16.70
C GLN A 166 -25.73 3.79 -18.01
N HIS A 167 -24.60 3.27 -18.49
CA HIS A 167 -24.56 2.53 -19.76
C HIS A 167 -25.43 1.28 -19.71
N GLY B 1 -3.20 -17.26 -40.70
CA GLY B 1 -2.50 -18.05 -39.72
C GLY B 1 -1.67 -17.21 -38.78
N GLN B 2 -1.22 -17.80 -37.68
CA GLN B 2 -0.31 -17.09 -36.80
C GLN B 2 1.02 -16.84 -37.49
N MET B 3 1.70 -15.80 -37.03
CA MET B 3 3.05 -15.54 -37.51
C MET B 3 3.97 -16.68 -37.10
N ARG B 4 4.86 -17.07 -38.01
CA ARG B 4 5.94 -17.94 -37.62
C ARG B 4 6.94 -17.17 -36.75
N LEU B 5 7.69 -17.91 -35.95
CA LEU B 5 8.60 -17.36 -34.95
C LEU B 5 10.03 -17.79 -35.24
N PRO B 6 11.02 -17.10 -34.69
CA PRO B 6 12.40 -17.58 -34.80
C PRO B 6 12.51 -18.95 -34.16
N SER B 7 13.52 -19.70 -34.59
CA SER B 7 13.82 -20.97 -33.96
C SER B 7 14.15 -20.75 -32.48
N ALA B 8 13.58 -21.60 -31.62
CA ALA B 8 13.84 -21.47 -30.19
C ALA B 8 15.30 -21.67 -29.86
N ASP B 9 16.07 -22.27 -30.78
CA ASP B 9 17.51 -22.42 -30.58
C ASP B 9 18.25 -21.09 -30.68
N VAL B 10 17.78 -20.17 -31.52
CA VAL B 10 18.43 -18.87 -31.64
C VAL B 10 17.73 -17.78 -30.82
N TYR B 11 16.49 -18.00 -30.40
CA TYR B 11 15.73 -16.99 -29.64
C TYR B 11 14.89 -17.72 -28.60
N ARG B 12 15.33 -17.67 -27.34
CA ARG B 12 14.75 -18.53 -26.31
C ARG B 12 13.28 -18.24 -26.04
N PHE B 13 12.81 -17.04 -26.34
CA PHE B 13 11.45 -16.65 -25.99
C PHE B 13 10.41 -17.16 -27.00
N ALA B 14 10.82 -17.99 -27.96
CA ALA B 14 9.90 -18.60 -28.91
C ALA B 14 9.56 -20.05 -28.56
N GLU B 15 10.06 -20.54 -27.44
CA GLU B 15 9.67 -21.88 -26.98
C GLU B 15 8.16 -21.93 -26.76
N PRO B 16 7.50 -23.01 -27.15
CA PRO B 16 6.05 -23.10 -26.92
C PRO B 16 5.69 -23.15 -25.44
N ASP B 17 4.56 -22.53 -25.10
CA ASP B 17 4.00 -22.68 -23.76
C ASP B 17 3.74 -24.16 -23.48
N SER B 18 4.08 -24.59 -22.27
CA SER B 18 3.69 -25.92 -21.80
C SER B 18 3.59 -25.85 -20.29
N GLU B 19 2.97 -26.87 -19.69
CA GLU B 19 2.93 -26.89 -18.23
C GLU B 19 4.29 -27.11 -17.60
N GLU B 20 5.32 -27.47 -18.37
CA GLU B 20 6.66 -27.50 -17.81
C GLU B 20 7.29 -26.12 -17.72
N ASN B 21 6.69 -25.08 -18.31
CA ASN B 21 7.28 -23.75 -18.21
C ASN B 21 6.31 -22.61 -17.86
N ILE B 22 4.99 -22.83 -17.88
CA ILE B 22 4.06 -21.78 -17.48
C ILE B 22 2.74 -22.42 -17.07
N ILE B 23 2.13 -21.89 -16.01
CA ILE B 23 0.82 -22.33 -15.53
C ILE B 23 -0.06 -21.11 -15.35
N PHE B 24 -1.25 -21.15 -15.93
CA PHE B 24 -2.18 -20.03 -15.84
C PHE B 24 -3.23 -20.28 -14.77
N GLU B 25 -3.74 -19.20 -14.18
CA GLU B 25 -4.89 -19.32 -13.30
C GLU B 25 -6.14 -19.64 -14.12
N GLU B 26 -7.11 -20.27 -13.47
CA GLU B 26 -8.39 -20.57 -14.12
C GLU B 26 -9.20 -19.28 -14.29
N GLY B 33 -9.67 -9.70 -21.12
CA GLY B 33 -9.62 -11.15 -21.05
C GLY B 33 -8.22 -11.69 -21.27
N ILE B 34 -7.24 -11.08 -20.62
CA ILE B 34 -5.86 -11.53 -20.77
C ILE B 34 -5.59 -12.59 -19.70
N PRO B 35 -4.71 -13.55 -19.96
CA PRO B 35 -4.45 -14.60 -18.98
C PRO B 35 -3.75 -14.06 -17.75
N ILE B 36 -3.96 -14.76 -16.63
CA ILE B 36 -3.33 -14.45 -15.35
C ILE B 36 -2.39 -15.60 -15.02
N ILE B 37 -1.12 -15.29 -14.76
CA ILE B 37 -0.09 -16.30 -14.61
C ILE B 37 -0.02 -16.75 -13.16
N LYS B 38 -0.13 -18.06 -12.93
CA LYS B 38 0.09 -18.62 -11.60
C LYS B 38 1.58 -18.88 -11.34
N ALA B 39 2.28 -19.47 -12.31
CA ALA B 39 3.68 -19.83 -12.12
C ALA B 39 4.36 -19.92 -13.47
N GLY B 40 5.68 -19.78 -13.48
CA GLY B 40 6.40 -19.99 -14.73
C GLY B 40 7.89 -19.87 -14.54
N THR B 41 8.63 -20.25 -15.58
CA THR B 41 10.06 -19.96 -15.58
C THR B 41 10.27 -18.46 -15.74
N VAL B 42 11.48 -17.99 -15.38
CA VAL B 42 11.76 -16.57 -15.55
C VAL B 42 11.68 -16.18 -17.02
N ILE B 43 12.10 -17.07 -17.93
CA ILE B 43 11.99 -16.79 -19.37
C ILE B 43 10.53 -16.57 -19.77
N LYS B 44 9.63 -17.42 -19.28
CA LYS B 44 8.22 -17.25 -19.64
C LYS B 44 7.62 -16.01 -18.98
N LEU B 45 8.03 -15.69 -17.74
CA LEU B 45 7.53 -14.47 -17.12
C LEU B 45 7.94 -13.24 -17.94
N ILE B 46 9.18 -13.21 -18.43
CA ILE B 46 9.64 -12.05 -19.19
C ILE B 46 8.97 -12.00 -20.55
N GLU B 47 8.76 -13.15 -21.17
CA GLU B 47 8.01 -13.18 -22.42
C GLU B 47 6.63 -12.55 -22.25
N ARG B 48 5.91 -12.94 -21.21
CA ARG B 48 4.57 -12.42 -21.01
C ARG B 48 4.58 -10.98 -20.47
N LEU B 49 5.67 -10.57 -19.84
CA LEU B 49 5.86 -9.18 -19.43
C LEU B 49 5.94 -8.24 -20.62
N THR B 50 6.33 -8.76 -21.77
CA THR B 50 6.62 -7.98 -22.96
C THR B 50 5.95 -8.60 -24.18
N TYR B 51 4.69 -9.01 -24.00
CA TYR B 51 4.03 -9.91 -24.95
C TYR B 51 3.59 -9.18 -26.20
N HIS B 52 3.67 -9.86 -27.36
CA HIS B 52 3.38 -9.15 -28.60
C HIS B 52 1.88 -8.89 -28.78
N MET B 53 1.01 -9.63 -28.10
CA MET B 53 -0.42 -9.52 -28.37
C MET B 53 -1.12 -8.46 -27.52
N TYR B 54 -0.57 -8.11 -26.36
CA TYR B 54 -1.25 -7.17 -25.47
C TYR B 54 -0.26 -6.58 -24.49
N ALA B 55 -0.61 -5.42 -23.96
CA ALA B 55 0.11 -4.79 -22.86
C ALA B 55 -0.52 -5.20 -21.53
N ASP B 56 0.28 -5.19 -20.47
CA ASP B 56 -0.19 -5.61 -19.15
C ASP B 56 0.48 -4.69 -18.11
N PRO B 57 0.03 -3.44 -18.04
CA PRO B 57 0.71 -2.47 -17.16
C PRO B 57 0.70 -2.88 -15.70
N ASN B 58 -0.35 -3.57 -15.24
N ASN B 58 -0.38 -3.53 -15.24
CA ASN B 58 -0.36 -4.01 -13.84
CA ASN B 58 -0.40 -4.04 -13.88
C ASN B 58 0.63 -5.16 -13.61
C ASN B 58 0.72 -5.06 -13.67
N PHE B 59 0.88 -5.97 -14.65
CA PHE B 59 1.93 -6.98 -14.55
C PHE B 59 3.31 -6.33 -14.49
N VAL B 60 3.53 -5.28 -15.29
CA VAL B 60 4.81 -4.58 -15.24
C VAL B 60 5.08 -4.06 -13.83
N ARG B 61 4.08 -3.42 -13.22
CA ARG B 61 4.25 -2.95 -11.85
C ARG B 61 4.50 -4.11 -10.89
N THR B 62 3.66 -5.15 -10.96
CA THR B 62 3.83 -6.32 -10.09
C THR B 62 5.22 -6.91 -10.23
N PHE B 63 5.65 -7.15 -11.48
CA PHE B 63 6.96 -7.76 -11.72
C PHE B 63 8.09 -6.87 -11.20
N LEU B 64 8.08 -5.59 -11.56
CA LEU B 64 9.19 -4.72 -11.15
C LEU B 64 9.20 -4.48 -9.65
N THR B 65 8.05 -4.61 -8.99
CA THR B 65 8.03 -4.48 -7.53
C THR B 65 8.63 -5.70 -6.85
N THR B 66 8.41 -6.90 -7.40
CA THR B 66 8.69 -8.14 -6.66
C THR B 66 9.77 -9.03 -7.22
N TYR B 67 10.37 -8.72 -8.38
CA TYR B 67 11.18 -9.71 -9.08
C TYR B 67 12.46 -10.08 -8.32
N ARG B 68 12.93 -9.26 -7.38
CA ARG B 68 14.24 -9.54 -6.81
C ARG B 68 14.24 -10.78 -5.92
N SER B 69 13.05 -11.27 -5.54
CA SER B 69 12.93 -12.53 -4.82
C SER B 69 13.18 -13.74 -5.72
N PHE B 70 13.31 -13.56 -7.04
CA PHE B 70 13.62 -14.68 -7.91
C PHE B 70 14.62 -14.39 -9.03
N CYS B 71 15.08 -13.15 -9.18
CA CYS B 71 16.00 -12.80 -10.26
C CYS B 71 16.80 -11.58 -9.83
N LYS B 72 18.13 -11.62 -10.01
CA LYS B 72 18.93 -10.45 -9.63
C LYS B 72 18.75 -9.32 -10.65
N PRO B 73 18.87 -8.06 -10.20
CA PRO B 73 18.76 -6.94 -11.16
C PRO B 73 19.68 -7.06 -12.37
N GLN B 74 20.94 -7.46 -12.18
CA GLN B 74 21.84 -7.60 -13.33
C GLN B 74 21.33 -8.66 -14.30
N GLU B 75 20.75 -9.74 -13.77
CA GLU B 75 20.26 -10.80 -14.65
C GLU B 75 18.99 -10.38 -15.36
N LEU B 76 18.13 -9.61 -14.69
CA LEU B 76 16.93 -9.09 -15.36
C LEU B 76 17.31 -8.24 -16.57
N LEU B 77 18.29 -7.33 -16.41
CA LEU B 77 18.69 -6.51 -17.54
C LEU B 77 19.20 -7.36 -18.69
N SER B 78 20.04 -8.35 -18.39
CA SER B 78 20.53 -9.23 -19.45
C SER B 78 19.38 -9.91 -20.17
N LEU B 79 18.38 -10.36 -19.42
CA LEU B 79 17.26 -11.07 -20.04
C LEU B 79 16.40 -10.13 -20.89
N ILE B 80 16.18 -8.89 -20.47
CA ILE B 80 15.31 -8.07 -21.32
C ILE B 80 16.08 -7.58 -22.54
N ILE B 81 17.41 -7.44 -22.45
CA ILE B 81 18.19 -7.14 -23.65
C ILE B 81 18.12 -8.32 -24.62
N GLU B 82 18.23 -9.54 -24.10
CA GLU B 82 18.05 -10.73 -24.94
C GLU B 82 16.66 -10.75 -25.59
N ARG B 83 15.63 -10.39 -24.83
CA ARG B 83 14.27 -10.31 -25.38
C ARG B 83 14.19 -9.30 -26.52
N PHE B 84 14.88 -8.18 -26.37
CA PHE B 84 14.82 -7.08 -27.34
C PHE B 84 15.41 -7.48 -28.69
N GLU B 85 16.44 -8.32 -28.69
CA GLU B 85 17.24 -8.59 -29.89
C GLU B 85 16.59 -9.74 -30.68
N ILE B 86 15.57 -9.40 -31.45
CA ILE B 86 14.74 -10.39 -32.14
C ILE B 86 15.24 -10.54 -33.57
N PRO B 87 15.54 -11.76 -34.02
CA PRO B 87 15.99 -11.94 -35.40
C PRO B 87 14.84 -11.79 -36.39
N GLU B 88 15.17 -11.21 -37.58
CA GLU B 88 14.17 -11.08 -38.62
C GLU B 88 14.16 -12.32 -39.51
N PRO B 89 13.00 -12.69 -40.05
CA PRO B 89 12.93 -13.91 -40.87
C PRO B 89 13.58 -13.70 -42.24
N GLU B 90 13.96 -14.83 -42.84
CA GLU B 90 14.56 -14.82 -44.18
C GLU B 90 13.49 -14.59 -45.26
N PRO B 91 13.89 -14.15 -46.46
CA PRO B 91 12.92 -13.99 -47.55
C PRO B 91 12.19 -15.30 -47.83
N THR B 92 10.91 -15.18 -48.23
CA THR B 92 10.10 -16.33 -48.55
C THR B 92 10.27 -16.72 -50.03
N GLU B 93 9.65 -17.85 -50.40
CA GLU B 93 9.71 -18.32 -51.78
C GLU B 93 9.22 -17.27 -52.77
N ALA B 94 8.11 -16.60 -52.46
CA ALA B 94 7.63 -15.56 -53.36
C ALA B 94 8.63 -14.41 -53.46
N ASP B 95 9.25 -14.03 -52.34
CA ASP B 95 10.27 -12.98 -52.38
C ASP B 95 11.46 -13.42 -53.23
N ARG B 96 11.90 -14.68 -53.08
N ARG B 96 11.88 -14.67 -53.05
CA ARG B 96 13.05 -15.14 -53.86
CA ARG B 96 12.99 -15.22 -53.81
C ARG B 96 12.75 -15.12 -55.35
C ARG B 96 12.74 -15.13 -55.31
N ILE B 97 11.55 -15.56 -55.74
CA ILE B 97 11.22 -15.57 -57.16
C ILE B 97 11.17 -14.15 -57.71
N ALA B 98 10.68 -13.19 -56.92
CA ALA B 98 10.68 -11.80 -57.38
C ALA B 98 12.11 -11.31 -57.59
N ILE B 99 12.99 -11.56 -56.61
CA ILE B 99 14.37 -11.11 -56.71
C ILE B 99 15.07 -11.75 -57.90
N GLU B 100 14.78 -13.02 -58.17
CA GLU B 100 15.42 -13.69 -59.30
C GLU B 100 15.03 -13.05 -60.63
N ASN B 101 13.90 -12.37 -60.68
CA ASN B 101 13.43 -11.70 -61.89
C ASN B 101 13.76 -10.22 -61.91
N GLY B 102 14.61 -9.76 -61.00
CA GLY B 102 14.99 -8.36 -60.95
C GLY B 102 13.96 -7.43 -60.36
N ASP B 103 12.92 -7.95 -59.72
CA ASP B 103 11.85 -7.14 -59.16
C ASP B 103 12.02 -6.97 -57.65
N GLN B 104 11.34 -5.98 -57.10
CA GLN B 104 11.35 -5.78 -55.67
C GLN B 104 10.40 -6.77 -55.01
N PRO B 105 10.83 -7.49 -53.97
CA PRO B 105 9.91 -8.42 -53.30
C PRO B 105 8.85 -7.67 -52.50
N LEU B 106 7.70 -8.34 -52.31
CA LEU B 106 6.65 -7.75 -51.49
C LEU B 106 7.00 -7.82 -50.02
N SER B 107 7.76 -8.85 -49.62
CA SER B 107 8.20 -9.02 -48.22
C SER B 107 7.02 -8.97 -47.25
N ALA B 108 5.91 -9.57 -47.65
CA ALA B 108 4.69 -9.47 -46.85
C ALA B 108 4.88 -10.06 -45.46
N GLU B 109 5.48 -11.26 -45.38
CA GLU B 109 5.66 -11.89 -44.07
C GLU B 109 6.64 -11.13 -43.20
N LEU B 110 7.72 -10.62 -43.80
CA LEU B 110 8.70 -9.84 -43.05
C LEU B 110 8.08 -8.56 -42.50
N LYS B 111 7.32 -7.84 -43.34
CA LYS B 111 6.69 -6.60 -42.88
C LYS B 111 5.68 -6.87 -41.76
N ARG B 112 4.91 -7.95 -41.88
CA ARG B 112 3.97 -8.29 -40.81
C ARG B 112 4.71 -8.63 -39.51
N PHE B 113 5.78 -9.42 -39.61
CA PHE B 113 6.51 -9.79 -38.39
C PHE B 113 7.11 -8.55 -37.72
N ARG B 114 7.62 -7.60 -38.50
CA ARG B 114 8.12 -6.35 -37.92
C ARG B 114 7.00 -5.60 -37.21
N LYS B 115 5.85 -5.47 -37.88
CA LYS B 115 4.77 -4.63 -37.38
C LYS B 115 4.07 -5.25 -36.19
N GLU B 116 3.90 -6.57 -36.19
CA GLU B 116 3.03 -7.23 -35.21
C GLU B 116 3.79 -8.03 -34.17
N TYR B 117 5.10 -8.30 -34.37
CA TYR B 117 5.89 -8.97 -33.34
C TYR B 117 7.04 -8.10 -32.86
N ILE B 118 7.97 -7.73 -33.74
CA ILE B 118 9.18 -7.04 -33.28
C ILE B 118 8.84 -5.69 -32.66
N GLN B 119 8.09 -4.85 -33.36
CA GLN B 119 7.87 -3.51 -32.82
C GLN B 119 7.06 -3.53 -31.53
N PRO B 120 6.00 -4.32 -31.36
CA PRO B 120 5.34 -4.35 -30.04
C PRO B 120 6.22 -4.91 -28.94
N VAL B 121 6.96 -6.00 -29.20
CA VAL B 121 7.81 -6.57 -28.14
C VAL B 121 8.88 -5.58 -27.75
N GLN B 122 9.53 -4.95 -28.74
CA GLN B 122 10.60 -4.01 -28.43
C GLN B 122 10.07 -2.80 -27.68
N LEU B 123 8.90 -2.30 -28.08
CA LEU B 123 8.33 -1.17 -27.36
C LEU B 123 7.97 -1.56 -25.94
N ARG B 124 7.50 -2.79 -25.74
CA ARG B 124 7.13 -3.20 -24.40
C ARG B 124 8.36 -3.49 -23.56
N VAL B 125 9.47 -3.91 -24.17
CA VAL B 125 10.73 -3.97 -23.42
C VAL B 125 11.12 -2.56 -22.97
N LEU B 126 11.02 -1.57 -23.86
CA LEU B 126 11.37 -0.21 -23.46
C LEU B 126 10.44 0.30 -22.38
N ASN B 127 9.17 -0.12 -22.38
CA ASN B 127 8.26 0.29 -21.32
C ASN B 127 8.67 -0.31 -19.99
N VAL B 128 9.19 -1.54 -19.99
CA VAL B 128 9.76 -2.09 -18.76
C VAL B 128 10.92 -1.24 -18.29
N CYS B 129 11.83 -0.88 -19.21
CA CYS B 129 12.96 -0.03 -18.84
C CYS B 129 12.50 1.31 -18.28
N ARG B 130 11.51 1.92 -18.92
CA ARG B 130 11.01 3.22 -18.49
C ARG B 130 10.41 3.15 -17.10
N HIS B 131 9.56 2.13 -16.85
CA HIS B 131 8.97 1.96 -15.52
C HIS B 131 10.04 1.64 -14.48
N TRP B 132 11.03 0.85 -14.87
CA TRP B 132 12.12 0.48 -13.96
C TRP B 132 12.86 1.72 -13.50
N VAL B 133 13.21 2.60 -14.44
CA VAL B 133 13.96 3.81 -14.08
C VAL B 133 13.08 4.79 -13.33
N GLU B 134 11.81 4.93 -13.73
CA GLU B 134 10.98 5.97 -13.12
C GLU B 134 10.51 5.61 -11.73
N HIS B 135 10.17 4.34 -11.50
CA HIS B 135 9.48 3.95 -10.27
C HIS B 135 10.25 2.97 -9.41
N HIS B 136 11.38 2.45 -9.88
CA HIS B 136 12.18 1.49 -9.11
C HIS B 136 13.65 1.81 -9.26
N PHE B 137 13.98 3.12 -9.24
CA PHE B 137 15.33 3.57 -9.51
C PHE B 137 16.34 3.14 -8.45
N TYR B 138 15.87 2.68 -7.28
CA TYR B 138 16.80 2.26 -6.23
C TYR B 138 17.75 1.16 -6.70
N ASP B 139 17.33 0.31 -7.63
CA ASP B 139 18.27 -0.70 -8.14
C ASP B 139 19.52 -0.04 -8.70
N PHE B 140 19.34 1.10 -9.37
CA PHE B 140 20.45 1.81 -10.01
C PHE B 140 21.22 2.68 -9.03
N GLU B 141 20.53 3.20 -8.01
CA GLU B 141 21.23 3.93 -6.96
C GLU B 141 22.17 3.02 -6.19
N ARG B 142 21.81 1.74 -6.03
CA ARG B 142 22.58 0.81 -5.23
C ARG B 142 23.62 0.04 -6.05
N ASP B 143 23.58 0.14 -7.38
CA ASP B 143 24.51 -0.60 -8.24
C ASP B 143 24.84 0.32 -9.42
N ALA B 144 25.93 1.07 -9.29
CA ALA B 144 26.28 2.03 -10.34
C ALA B 144 26.59 1.34 -11.66
N TYR B 145 27.09 0.11 -11.61
CA TYR B 145 27.38 -0.60 -12.85
C TYR B 145 26.10 -1.00 -13.57
N LEU B 146 25.06 -1.38 -12.82
CA LEU B 146 23.76 -1.64 -13.46
C LEU B 146 23.28 -0.41 -14.22
N LEU B 147 23.46 0.77 -13.62
CA LEU B 147 23.04 2.00 -14.29
C LEU B 147 23.84 2.23 -15.56
N GLN B 148 25.15 2.01 -15.51
CA GLN B 148 25.96 2.13 -16.73
C GLN B 148 25.44 1.21 -17.82
N ARG B 149 25.11 -0.04 -17.48
CA ARG B 149 24.62 -0.98 -18.48
C ARG B 149 23.30 -0.51 -19.08
N MET B 150 22.39 0.02 -18.25
CA MET B 150 21.12 0.51 -18.77
C MET B 150 21.33 1.71 -19.69
N GLU B 151 22.17 2.67 -19.28
CA GLU B 151 22.44 3.82 -20.13
C GLU B 151 23.01 3.39 -21.47
N GLU B 152 23.91 2.40 -21.46
N GLU B 152 23.93 2.42 -21.44
CA GLU B 152 24.55 1.96 -22.69
CA GLU B 152 24.56 1.94 -22.68
C GLU B 152 23.59 1.18 -23.58
C GLU B 152 23.54 1.25 -23.58
N PHE B 153 22.71 0.37 -23.00
CA PHE B 153 21.70 -0.32 -23.80
C PHE B 153 20.77 0.69 -24.47
N ILE B 154 20.17 1.59 -23.68
CA ILE B 154 19.23 2.54 -24.24
C ILE B 154 19.92 3.44 -25.26
N GLY B 155 21.12 3.90 -24.93
CA GLY B 155 21.84 4.83 -25.78
C GLY B 155 22.35 4.24 -27.07
N THR B 156 22.29 2.92 -27.25
CA THR B 156 22.73 2.31 -28.50
C THR B 156 21.60 1.61 -29.27
N VAL B 157 20.34 1.81 -28.89
CA VAL B 157 19.24 1.29 -29.71
C VAL B 157 19.16 2.10 -30.99
N ARG B 158 19.21 1.41 -32.14
CA ARG B 158 19.20 2.02 -33.44
C ARG B 158 17.83 1.95 -34.08
N GLY B 159 17.64 2.75 -35.11
CA GLY B 159 16.43 2.60 -35.91
C GLY B 159 15.29 3.50 -35.50
N LYS B 160 14.51 3.95 -36.47
CA LYS B 160 13.62 5.09 -36.24
C LYS B 160 12.36 4.73 -35.47
N ALA B 161 11.92 3.49 -35.49
CA ALA B 161 10.62 3.18 -34.88
C ALA B 161 10.65 3.43 -33.37
N MET B 162 11.80 3.16 -32.72
CA MET B 162 11.95 3.32 -31.28
C MET B 162 12.58 4.65 -30.88
N LYS B 163 12.93 5.51 -31.83
CA LYS B 163 13.81 6.65 -31.56
C LYS B 163 13.21 7.62 -30.54
N LYS B 164 11.93 7.93 -30.65
CA LYS B 164 11.34 8.91 -29.74
C LYS B 164 11.45 8.43 -28.29
N TRP B 165 11.22 7.15 -28.05
CA TRP B 165 11.21 6.65 -26.68
C TRP B 165 12.63 6.44 -26.16
N VAL B 166 13.56 6.04 -27.03
CA VAL B 166 14.96 5.91 -26.64
C VAL B 166 15.51 7.26 -26.22
N GLU B 167 15.27 8.30 -27.01
CA GLU B 167 15.77 9.61 -26.64
C GLU B 167 15.10 10.12 -25.36
N SER B 168 13.80 9.83 -25.20
CA SER B 168 13.12 10.23 -23.98
C SER B 168 13.68 9.49 -22.76
N ILE B 169 13.89 8.18 -22.88
CA ILE B 169 14.35 7.42 -21.72
C ILE B 169 15.76 7.84 -21.33
N THR B 170 16.60 8.15 -22.31
CA THR B 170 17.93 8.68 -22.01
C THR B 170 17.84 9.94 -21.12
N LYS B 171 16.94 10.86 -21.47
CA LYS B 171 16.79 12.08 -20.68
C LYS B 171 16.22 11.80 -19.30
N ILE B 172 15.25 10.87 -19.22
CA ILE B 172 14.66 10.52 -17.93
C ILE B 172 15.73 9.97 -16.99
N ILE B 173 16.59 9.10 -17.50
CA ILE B 173 17.67 8.55 -16.67
C ILE B 173 18.55 9.68 -16.15
N GLN B 174 18.94 10.60 -17.05
CA GLN B 174 19.85 11.67 -16.62
C GLN B 174 19.18 12.55 -15.57
N ARG B 175 17.88 12.82 -15.71
N ARG B 175 17.88 12.81 -15.70
CA ARG B 175 17.14 13.58 -14.71
CA ARG B 175 17.17 13.59 -14.69
C ARG B 175 17.10 12.84 -13.37
C ARG B 175 17.08 12.84 -13.35
N LYS B 176 16.81 11.53 -13.41
CA LYS B 176 16.72 10.75 -12.17
C LYS B 176 18.04 10.74 -11.41
N LYS B 177 19.15 10.84 -12.13
CA LYS B 177 20.46 10.80 -11.47
C LYS B 177 20.68 12.01 -10.57
N ILE B 178 20.25 13.20 -10.99
CA ILE B 178 20.50 14.40 -10.20
C ILE B 178 19.31 14.80 -9.33
N ALA B 179 18.23 14.02 -9.33
CA ALA B 179 17.06 14.33 -8.51
C ALA B 179 17.25 13.84 -7.09
N ASN B 187 5.37 20.06 -6.55
CA ASN B 187 4.53 21.23 -6.77
C ASN B 187 3.06 20.81 -6.93
N ILE B 188 2.18 21.40 -6.11
CA ILE B 188 0.81 20.93 -5.94
C ILE B 188 -0.16 22.07 -6.23
N THR B 189 -1.27 21.77 -6.92
CA THR B 189 -2.32 22.76 -7.18
C THR B 189 -3.67 22.22 -6.73
N PHE B 190 -4.52 23.11 -6.19
CA PHE B 190 -5.75 22.69 -5.51
C PHE B 190 -7.02 23.34 -6.08
N GLN B 191 -8.14 22.66 -5.80
CA GLN B 191 -9.47 23.17 -6.15
C GLN B 191 -9.88 24.38 -5.31
N SER B 192 -9.26 24.59 -4.15
CA SER B 192 -9.63 25.71 -3.28
C SER B 192 -8.42 26.12 -2.44
N SER B 193 -8.61 27.17 -1.63
CA SER B 193 -7.59 27.59 -0.68
C SER B 193 -7.71 26.79 0.61
N PRO B 194 -6.60 26.49 1.27
CA PRO B 194 -6.66 25.80 2.56
C PRO B 194 -7.28 26.70 3.61
N PRO B 195 -7.89 26.12 4.65
CA PRO B 195 -8.52 26.95 5.69
C PRO B 195 -7.48 27.72 6.49
N THR B 196 -7.97 28.74 7.18
CA THR B 196 -7.10 29.58 7.99
C THR B 196 -6.58 28.80 9.20
N VAL B 197 -5.29 28.99 9.53
CA VAL B 197 -4.70 28.35 10.69
C VAL B 197 -5.36 28.90 11.95
N GLU B 198 -5.68 28.00 12.90
CA GLU B 198 -6.41 28.38 14.10
C GLU B 198 -5.49 28.43 15.31
N TRP B 199 -5.69 29.44 16.16
CA TRP B 199 -4.89 29.65 17.36
C TRP B 199 -5.79 29.76 18.59
N HIS B 200 -5.24 29.35 19.74
CA HIS B 200 -5.95 29.29 21.01
C HIS B 200 -5.14 30.12 22.01
N ILE B 201 -4.64 29.50 23.10
CA ILE B 201 -3.89 30.26 24.11
C ILE B 201 -2.50 30.64 23.60
N SER B 202 -1.76 29.66 23.08
CA SER B 202 -0.47 29.96 22.44
C SER B 202 -0.70 30.79 21.19
N ARG B 203 0.08 31.87 21.04
CA ARG B 203 -0.06 32.74 19.89
C ARG B 203 1.09 32.50 18.90
N PRO B 204 0.95 32.94 17.65
CA PRO B 204 1.99 32.67 16.66
C PRO B 204 3.36 33.14 17.12
N GLY B 205 4.36 32.27 16.95
CA GLY B 205 5.72 32.57 17.30
C GLY B 205 6.12 32.29 18.74
N HIS B 206 5.18 31.88 19.59
CA HIS B 206 5.47 31.67 21.00
C HIS B 206 5.58 30.18 21.30
N ILE B 207 6.58 29.58 20.69
CA ILE B 207 6.73 28.13 20.69
C ILE B 207 6.97 27.60 22.09
N GLU B 208 7.50 28.43 22.99
CA GLU B 208 7.80 27.97 24.34
C GLU B 208 6.54 27.68 25.15
N THR B 209 5.39 28.20 24.73
CA THR B 209 4.13 27.92 25.43
C THR B 209 3.34 26.77 24.80
N PHE B 210 3.77 26.27 23.65
CA PHE B 210 3.03 25.20 22.96
C PHE B 210 2.88 23.98 23.85
N ASP B 211 1.68 23.41 23.88
CA ASP B 211 1.39 22.23 24.67
C ASP B 211 0.02 21.71 24.23
N LEU B 212 -0.36 20.55 24.78
CA LEU B 212 -1.61 19.91 24.40
C LEU B 212 -2.82 20.83 24.56
N LEU B 213 -2.88 21.59 25.66
CA LEU B 213 -4.06 22.38 25.96
C LEU B 213 -3.96 23.84 25.48
N THR B 214 -2.78 24.30 25.10
CA THR B 214 -2.59 25.69 24.69
C THR B 214 -2.63 25.89 23.18
N LEU B 215 -2.20 24.90 22.39
CA LEU B 215 -2.48 24.95 20.97
C LEU B 215 -3.97 24.68 20.72
N HIS B 216 -4.46 25.13 19.58
CA HIS B 216 -5.86 24.89 19.24
C HIS B 216 -6.03 23.43 18.86
N PRO B 217 -7.02 22.73 19.42
CA PRO B 217 -7.16 21.29 19.08
C PRO B 217 -7.38 21.07 17.59
N ILE B 218 -8.07 21.96 16.89
CA ILE B 218 -8.21 21.80 15.44
C ILE B 218 -6.84 21.80 14.78
N GLU B 219 -5.97 22.73 15.20
CA GLU B 219 -4.70 22.88 14.54
C GLU B 219 -3.72 21.78 14.94
N ILE B 220 -3.83 21.27 16.17
CA ILE B 220 -3.06 20.08 16.53
C ILE B 220 -3.38 18.95 15.56
N ALA B 221 -4.67 18.70 15.33
CA ALA B 221 -5.05 17.60 14.45
C ALA B 221 -4.61 17.86 13.01
N ARG B 222 -4.72 19.10 12.54
CA ARG B 222 -4.29 19.40 11.16
C ARG B 222 -2.79 19.21 10.98
N GLN B 223 -1.99 19.74 11.91
CA GLN B 223 -0.54 19.68 11.73
C GLN B 223 -0.02 18.26 11.93
N LEU B 224 -0.60 17.50 12.86
CA LEU B 224 -0.24 16.08 12.96
C LEU B 224 -0.67 15.31 11.70
N THR B 225 -1.80 15.69 11.10
CA THR B 225 -2.23 15.01 9.88
C THR B 225 -1.28 15.30 8.72
N LEU B 226 -0.83 16.55 8.57
CA LEU B 226 0.18 16.83 7.53
C LEU B 226 1.45 16.04 7.77
N LEU B 227 1.91 15.99 9.02
CA LEU B 227 3.13 15.26 9.36
C LEU B 227 2.96 13.77 9.07
N GLU B 228 1.84 13.20 9.51
CA GLU B 228 1.59 11.76 9.36
C GLU B 228 1.32 11.39 7.90
N SER B 229 0.67 12.29 7.16
CA SER B 229 0.51 12.08 5.71
C SER B 229 1.85 12.06 5.01
N ASP B 230 2.71 13.04 5.29
CA ASP B 230 4.04 13.03 4.69
C ASP B 230 4.82 11.76 5.03
N LEU B 231 4.74 11.30 6.28
CA LEU B 231 5.44 10.07 6.66
C LEU B 231 4.86 8.86 5.92
N TYR B 232 3.53 8.80 5.78
CA TYR B 232 2.90 7.72 5.05
C TYR B 232 3.33 7.72 3.58
N ARG B 233 3.34 8.91 2.96
CA ARG B 233 3.64 9.02 1.54
C ARG B 233 5.08 8.70 1.21
N ALA B 234 5.97 8.75 2.20
CA ALA B 234 7.40 8.54 1.93
C ALA B 234 7.80 7.08 1.87
N VAL B 235 6.93 6.14 2.27
CA VAL B 235 7.32 4.73 2.34
C VAL B 235 7.26 4.11 0.94
N GLN B 236 8.39 3.57 0.48
CA GLN B 236 8.48 2.95 -0.84
C GLN B 236 8.33 1.44 -0.75
N PRO B 237 7.92 0.78 -1.84
CA PRO B 237 7.79 -0.68 -1.80
C PRO B 237 9.09 -1.40 -1.49
N SER B 238 10.23 -0.80 -1.84
CA SER B 238 11.53 -1.41 -1.52
C SER B 238 11.71 -1.64 -0.03
N GLU B 239 10.98 -0.90 0.81
N GLU B 239 10.99 -0.89 0.82
CA GLU B 239 11.07 -1.07 2.25
CA GLU B 239 11.08 -1.08 2.27
C GLU B 239 10.19 -2.20 2.77
C GLU B 239 10.17 -2.19 2.77
N LEU B 240 9.37 -2.79 1.90
CA LEU B 240 8.36 -3.76 2.30
C LEU B 240 8.59 -5.14 1.69
N VAL B 241 8.95 -5.23 0.42
CA VAL B 241 9.09 -6.54 -0.20
C VAL B 241 10.23 -7.32 0.47
N GLY B 242 10.05 -8.64 0.54
CA GLY B 242 11.01 -9.46 1.26
C GLY B 242 10.94 -9.34 2.77
N SER B 243 9.90 -8.69 3.29
CA SER B 243 9.69 -8.52 4.73
C SER B 243 10.90 -7.86 5.41
N VAL B 244 11.59 -6.98 4.69
CA VAL B 244 12.88 -6.50 5.16
C VAL B 244 12.78 -5.62 6.40
N TRP B 245 11.61 -5.06 6.72
CA TRP B 245 11.48 -4.22 7.90
C TRP B 245 11.48 -5.04 9.19
N THR B 246 11.41 -6.37 9.08
CA THR B 246 11.46 -7.26 10.24
C THR B 246 12.84 -7.89 10.43
N LYS B 247 13.76 -7.74 9.48
CA LYS B 247 15.02 -8.46 9.47
C LYS B 247 16.13 -7.63 10.11
N GLU B 248 17.32 -8.23 10.21
CA GLU B 248 18.41 -7.62 10.98
C GLU B 248 18.84 -6.28 10.40
N ASP B 249 18.73 -6.10 9.08
CA ASP B 249 19.13 -4.84 8.45
C ASP B 249 17.96 -3.87 8.26
N LYS B 250 16.91 -3.97 9.08
CA LYS B 250 15.71 -3.13 8.88
C LYS B 250 16.04 -1.64 8.90
N GLU B 251 17.01 -1.19 9.71
CA GLU B 251 17.29 0.24 9.74
C GLU B 251 17.89 0.73 8.42
N ILE B 252 18.58 -0.16 7.71
CA ILE B 252 19.15 0.18 6.42
C ILE B 252 18.10 0.14 5.34
N ASN B 253 17.25 -0.90 5.37
CA ASN B 253 16.36 -1.17 4.25
C ASN B 253 14.98 -0.53 4.38
N SER B 254 14.54 -0.19 5.60
CA SER B 254 13.19 0.35 5.79
C SER B 254 13.17 1.64 6.63
N PRO B 255 14.05 2.61 6.34
CA PRO B 255 14.14 3.78 7.23
C PRO B 255 12.91 4.66 7.24
N ASN B 256 12.23 4.85 6.10
CA ASN B 256 11.05 5.72 6.13
C ASN B 256 9.90 5.05 6.86
N LEU B 257 9.72 3.75 6.65
CA LEU B 257 8.69 3.03 7.39
C LEU B 257 8.94 3.13 8.89
N LEU B 258 10.18 2.88 9.31
CA LEU B 258 10.46 2.90 10.76
C LEU B 258 10.28 4.31 11.34
N LYS B 259 10.65 5.35 10.59
N LYS B 259 10.66 5.35 10.59
CA LYS B 259 10.41 6.71 11.06
CA LYS B 259 10.41 6.71 11.06
C LYS B 259 8.92 6.95 11.23
C LYS B 259 8.92 6.96 11.23
N MET B 260 8.12 6.46 10.30
CA MET B 260 6.67 6.61 10.40
C MET B 260 6.13 5.91 11.65
N ILE B 261 6.57 4.67 11.89
CA ILE B 261 6.06 3.92 13.05
C ILE B 261 6.52 4.58 14.35
N ARG B 262 7.77 5.06 14.39
CA ARG B 262 8.26 5.65 15.62
C ARG B 262 7.54 6.96 15.93
N HIS B 263 7.11 7.71 14.92
CA HIS B 263 6.26 8.88 15.18
C HIS B 263 4.95 8.45 15.83
N THR B 264 4.28 7.44 15.25
CA THR B 264 3.01 6.97 15.80
C THR B 264 3.19 6.52 17.25
N THR B 265 4.25 5.77 17.53
CA THR B 265 4.51 5.34 18.89
C THR B 265 4.74 6.52 19.82
N ASN B 266 5.53 7.50 19.37
CA ASN B 266 5.81 8.65 20.23
C ASN B 266 4.55 9.45 20.54
N LEU B 267 3.66 9.61 19.55
CA LEU B 267 2.44 10.37 19.83
C LEU B 267 1.53 9.64 20.80
N THR B 268 1.39 8.32 20.63
CA THR B 268 0.60 7.54 21.59
C THR B 268 1.16 7.70 22.99
N LEU B 269 2.48 7.57 23.14
CA LEU B 269 3.08 7.70 24.47
C LEU B 269 2.94 9.12 25.01
N TRP B 270 2.98 10.14 24.14
CA TRP B 270 2.78 11.50 24.61
C TRP B 270 1.38 11.70 25.16
N PHE B 271 0.36 11.16 24.46
CA PHE B 271 -1.00 11.23 24.97
C PHE B 271 -1.10 10.57 26.34
N GLU B 272 -0.52 9.38 26.49
CA GLU B 272 -0.54 8.69 27.78
C GLU B 272 0.15 9.53 28.85
N LYS B 273 1.31 10.09 28.53
CA LYS B 273 2.05 10.90 29.48
C LYS B 273 1.27 12.15 29.88
N CYS B 274 0.65 12.83 28.91
CA CYS B 274 -0.16 14.01 29.25
C CYS B 274 -1.26 13.66 30.23
N ILE B 275 -1.86 12.48 30.06
CA ILE B 275 -2.98 12.08 30.92
C ILE B 275 -2.49 11.76 32.33
N VAL B 276 -1.54 10.83 32.47
CA VAL B 276 -1.19 10.36 33.81
C VAL B 276 -0.33 11.36 34.58
N GLU B 277 0.38 12.27 33.92
CA GLU B 277 1.12 13.30 34.65
C GLU B 277 0.23 14.47 35.07
N THR B 278 -1.06 14.45 34.72
CA THR B 278 -2.02 15.44 35.20
C THR B 278 -2.70 14.81 36.41
N GLU B 279 -2.19 15.13 37.60
CA GLU B 279 -2.62 14.40 38.80
C GLU B 279 -3.98 14.87 39.32
N ASN B 280 -4.31 16.14 39.15
CA ASN B 280 -5.62 16.63 39.57
C ASN B 280 -6.71 16.06 38.67
N LEU B 281 -7.75 15.47 39.29
CA LEU B 281 -8.79 14.77 38.54
C LEU B 281 -9.49 15.69 37.54
N GLU B 282 -9.93 16.87 38.00
CA GLU B 282 -10.64 17.79 37.11
C GLU B 282 -9.77 18.19 35.93
N GLU B 283 -8.49 18.48 36.18
CA GLU B 283 -7.60 18.81 35.07
C GLU B 283 -7.41 17.61 34.13
N ARG B 284 -7.33 16.41 34.69
CA ARG B 284 -7.09 15.23 33.86
C ARG B 284 -8.29 14.93 32.96
N VAL B 285 -9.50 15.19 33.46
CA VAL B 285 -10.70 15.09 32.63
C VAL B 285 -10.61 16.06 31.46
N ALA B 286 -10.12 17.28 31.70
CA ALA B 286 -9.99 18.25 30.61
C ALA B 286 -8.96 17.77 29.58
N VAL B 287 -7.87 17.16 30.05
CA VAL B 287 -6.86 16.61 29.14
C VAL B 287 -7.45 15.50 28.26
N VAL B 288 -8.18 14.56 28.88
CA VAL B 288 -8.75 13.45 28.12
C VAL B 288 -9.80 13.97 27.13
N SER B 289 -10.64 14.90 27.59
N SER B 289 -10.64 14.90 27.57
CA SER B 289 -11.64 15.51 26.71
CA SER B 289 -11.64 15.48 26.68
C SER B 289 -10.99 16.19 25.51
C SER B 289 -10.98 16.18 25.49
N ARG B 290 -9.86 16.86 25.73
CA ARG B 290 -9.18 17.54 24.62
C ARG B 290 -8.62 16.52 23.62
N ILE B 291 -8.09 15.40 24.12
CA ILE B 291 -7.56 14.37 23.21
C ILE B 291 -8.69 13.77 22.38
N ILE B 292 -9.86 13.59 22.98
CA ILE B 292 -11.00 13.07 22.20
C ILE B 292 -11.47 14.08 21.16
N GLU B 293 -11.37 15.39 21.46
CA GLU B 293 -11.67 16.38 20.42
C GLU B 293 -10.66 16.32 19.27
N ILE B 294 -9.37 16.11 19.58
CA ILE B 294 -8.39 15.94 18.53
C ILE B 294 -8.73 14.71 17.69
N LEU B 295 -9.16 13.63 18.37
N LEU B 295 -9.14 13.63 18.37
CA LEU B 295 -9.58 12.42 17.66
CA LEU B 295 -9.59 12.43 17.68
C LEU B 295 -10.75 12.70 16.72
C LEU B 295 -10.74 12.73 16.72
N GLN B 296 -11.69 13.55 17.16
CA GLN B 296 -12.83 13.89 16.30
C GLN B 296 -12.36 14.57 15.01
N VAL B 297 -11.37 15.45 15.11
CA VAL B 297 -10.87 16.11 13.91
C VAL B 297 -10.06 15.13 13.04
N PHE B 298 -9.29 14.23 13.67
CA PHE B 298 -8.64 13.16 12.90
C PHE B 298 -9.67 12.38 12.07
N GLN B 299 -10.80 12.03 12.68
CA GLN B 299 -11.85 11.32 11.94
C GLN B 299 -12.37 12.15 10.78
N GLU B 300 -12.59 13.45 11.02
CA GLU B 300 -13.08 14.33 9.96
C GLU B 300 -12.10 14.42 8.80
N LEU B 301 -10.79 14.34 9.09
CA LEU B 301 -9.74 14.41 8.08
C LEU B 301 -9.40 13.06 7.47
N ASN B 302 -10.06 11.98 7.87
CA ASN B 302 -9.69 10.63 7.42
C ASN B 302 -8.26 10.28 7.78
N ASN B 303 -7.75 10.80 8.91
CA ASN B 303 -6.40 10.42 9.36
C ASN B 303 -6.57 9.23 10.30
N PHE B 304 -6.59 8.04 9.72
CA PHE B 304 -6.81 6.84 10.54
C PHE B 304 -5.59 6.46 11.36
N ASN B 305 -4.39 6.79 10.89
CA ASN B 305 -3.23 6.63 11.76
C ASN B 305 -3.41 7.44 13.04
N GLY B 306 -3.84 8.70 12.91
CA GLY B 306 -4.07 9.54 14.08
C GLY B 306 -5.18 9.02 14.97
N VAL B 307 -6.27 8.54 14.36
CA VAL B 307 -7.33 7.91 15.14
C VAL B 307 -6.76 6.79 16.00
N LEU B 308 -5.95 5.92 15.40
CA LEU B 308 -5.46 4.78 16.18
C LEU B 308 -4.38 5.19 17.18
N GLU B 309 -3.64 6.26 16.92
CA GLU B 309 -2.72 6.80 17.93
C GLU B 309 -3.48 7.08 19.22
N VAL B 310 -4.68 7.67 19.09
CA VAL B 310 -5.50 7.98 20.26
C VAL B 310 -6.10 6.72 20.85
N VAL B 311 -6.67 5.87 20.00
CA VAL B 311 -7.30 4.63 20.48
C VAL B 311 -6.28 3.76 21.23
N SER B 312 -5.05 3.64 20.70
CA SER B 312 -4.03 2.85 21.39
C SER B 312 -3.70 3.47 22.75
N ALA B 313 -3.66 4.79 22.83
CA ALA B 313 -3.37 5.43 24.13
C ALA B 313 -4.48 5.14 25.13
N MET B 314 -5.74 5.21 24.70
CA MET B 314 -6.84 5.00 25.65
C MET B 314 -6.94 3.54 26.07
N ASN B 315 -6.49 2.61 25.22
CA ASN B 315 -6.46 1.19 25.55
C ASN B 315 -5.25 0.79 26.39
N SER B 316 -4.28 1.68 26.59
CA SER B 316 -3.06 1.30 27.30
C SER B 316 -3.35 1.04 28.77
N SER B 317 -2.54 0.17 29.36
CA SER B 317 -2.71 -0.15 30.79
C SER B 317 -2.75 1.07 31.70
N PRO B 318 -1.89 2.08 31.56
CA PRO B 318 -1.97 3.21 32.51
C PRO B 318 -3.25 4.02 32.39
N VAL B 319 -3.82 4.14 31.20
CA VAL B 319 -4.98 5.00 31.00
C VAL B 319 -6.29 4.25 31.19
N TYR B 320 -6.37 3.04 30.62
CA TYR B 320 -7.62 2.29 30.60
C TYR B 320 -8.17 2.07 32.00
N ARG B 321 -7.29 1.98 33.01
CA ARG B 321 -7.73 1.67 34.36
C ARG B 321 -8.27 2.87 35.14
N LEU B 322 -8.28 4.06 34.55
CA LEU B 322 -8.63 5.29 35.29
C LEU B 322 -10.14 5.49 35.31
N ASP B 323 -10.80 4.68 36.16
CA ASP B 323 -12.27 4.67 36.21
C ASP B 323 -12.84 6.02 36.64
N HIS B 324 -12.19 6.70 37.58
CA HIS B 324 -12.71 8.00 38.04
C HIS B 324 -12.67 9.04 36.94
N THR B 325 -11.65 8.98 36.08
CA THR B 325 -11.57 9.91 34.96
C THR B 325 -12.61 9.56 33.90
N PHE B 326 -12.69 8.28 33.54
CA PHE B 326 -13.63 7.83 32.51
C PHE B 326 -15.05 8.20 32.89
N GLU B 327 -15.39 8.07 34.17
CA GLU B 327 -16.74 8.37 34.62
C GLU B 327 -17.16 9.80 34.30
N GLN B 328 -16.21 10.74 34.30
CA GLN B 328 -16.56 12.14 34.10
C GLN B 328 -16.47 12.60 32.64
N ILE B 329 -16.08 11.72 31.72
N ILE B 329 -16.07 11.73 31.72
CA ILE B 329 -16.06 12.13 30.32
CA ILE B 329 -16.06 12.11 30.31
C ILE B 329 -17.49 12.33 29.83
C ILE B 329 -17.50 12.33 29.84
N PRO B 330 -17.81 13.46 29.22
CA PRO B 330 -19.17 13.70 28.73
C PRO B 330 -19.64 12.58 27.80
N SER B 331 -20.94 12.29 27.85
N SER B 331 -20.96 12.34 27.81
CA SER B 331 -21.49 11.13 27.15
CA SER B 331 -21.54 11.25 27.02
C SER B 331 -21.22 11.20 25.65
C SER B 331 -21.22 11.38 25.55
N ARG B 332 -21.32 12.40 25.06
N ARG B 332 -21.31 12.59 24.98
CA ARG B 332 -21.12 12.51 23.63
CA ARG B 332 -21.08 12.73 23.55
C ARG B 332 -19.66 12.22 23.25
C ARG B 332 -19.64 12.41 23.19
N GLN B 333 -18.72 12.54 24.14
CA GLN B 333 -17.32 12.22 23.87
C GLN B 333 -17.01 10.75 24.09
N LYS B 334 -17.67 10.13 25.09
CA LYS B 334 -17.59 8.67 25.21
C LYS B 334 -18.03 8.01 23.93
N LYS B 335 -19.08 8.54 23.30
CA LYS B 335 -19.59 7.92 22.08
C LYS B 335 -18.60 8.08 20.92
N ILE B 336 -17.94 9.24 20.82
CA ILE B 336 -16.91 9.42 19.80
C ILE B 336 -15.78 8.41 20.01
N LEU B 337 -15.32 8.28 21.25
CA LEU B 337 -14.20 7.37 21.50
C LEU B 337 -14.61 5.92 21.27
N GLU B 338 -15.83 5.55 21.66
CA GLU B 338 -16.28 4.18 21.45
C GLU B 338 -16.34 3.85 19.97
N GLU B 339 -16.88 4.76 19.16
CA GLU B 339 -16.94 4.53 17.72
C GLU B 339 -15.54 4.32 17.14
N ALA B 340 -14.58 5.12 17.60
CA ALA B 340 -13.21 4.96 17.10
C ALA B 340 -12.62 3.63 17.55
N HIS B 341 -12.83 3.26 18.81
CA HIS B 341 -12.36 1.98 19.29
C HIS B 341 -12.96 0.82 18.48
N GLU B 342 -14.24 0.92 18.15
CA GLU B 342 -14.89 -0.16 17.41
C GLU B 342 -14.32 -0.34 16.01
N LEU B 343 -13.63 0.66 15.46
CA LEU B 343 -12.94 0.44 14.18
C LEU B 343 -11.95 -0.73 14.26
N SER B 344 -11.35 -0.95 15.44
CA SER B 344 -10.31 -1.95 15.60
C SER B 344 -10.86 -3.33 15.93
N GLU B 345 -12.10 -3.42 16.36
CA GLU B 345 -12.67 -4.69 16.80
C GLU B 345 -12.76 -5.67 15.63
N ASP B 346 -12.79 -6.96 15.97
CA ASP B 346 -13.01 -8.01 14.98
C ASP B 346 -12.00 -7.93 13.84
N HIS B 347 -10.71 -7.84 14.22
CA HIS B 347 -9.62 -7.78 13.25
C HIS B 347 -9.80 -6.61 12.27
N TYR B 348 -10.13 -5.44 12.83
CA TYR B 348 -10.23 -4.17 12.08
C TYR B 348 -11.33 -4.21 11.02
N LYS B 349 -12.38 -5.00 11.24
CA LYS B 349 -13.46 -5.11 10.24
C LYS B 349 -14.03 -3.75 9.85
N LYS B 350 -14.41 -2.93 10.83
CA LYS B 350 -15.05 -1.65 10.50
C LYS B 350 -14.05 -0.64 9.93
N TYR B 351 -12.79 -0.68 10.41
CA TYR B 351 -11.77 0.17 9.80
C TYR B 351 -11.61 -0.14 8.32
N LEU B 352 -11.49 -1.42 7.97
CA LEU B 352 -11.23 -1.77 6.58
C LEU B 352 -12.38 -1.31 5.69
N ALA B 353 -13.62 -1.47 6.17
CA ALA B 353 -14.77 -1.01 5.42
C ALA B 353 -14.81 0.50 5.31
N LYS B 354 -14.40 1.21 6.36
CA LYS B 354 -14.43 2.67 6.31
C LYS B 354 -13.36 3.20 5.35
N LEU B 355 -12.14 2.65 5.41
CA LEU B 355 -11.07 3.10 4.51
C LEU B 355 -11.51 2.99 3.06
N ARG B 356 -12.22 1.92 2.71
CA ARG B 356 -12.64 1.67 1.34
C ARG B 356 -13.87 2.46 0.96
N SER B 357 -14.47 3.22 1.88
CA SER B 357 -15.64 4.02 1.55
C SER B 357 -15.38 5.51 1.51
N ILE B 358 -14.31 6.02 2.14
CA ILE B 358 -14.17 7.47 2.25
C ILE B 358 -13.64 8.09 0.97
N ASN B 359 -13.68 9.42 0.91
CA ASN B 359 -13.12 10.18 -0.19
C ASN B 359 -11.75 10.68 0.23
N PRO B 360 -10.67 10.22 -0.38
CA PRO B 360 -9.33 10.69 0.00
C PRO B 360 -9.20 12.18 -0.22
N PRO B 361 -8.19 12.84 0.37
CA PRO B 361 -7.02 12.27 1.06
C PRO B 361 -7.34 11.59 2.39
N CYS B 362 -6.51 10.60 2.72
CA CYS B 362 -6.59 9.92 4.00
C CYS B 362 -5.18 9.54 4.40
N VAL B 363 -5.02 9.13 5.67
CA VAL B 363 -3.80 8.51 6.15
C VAL B 363 -4.15 7.13 6.69
N PRO B 364 -3.88 6.07 5.93
CA PRO B 364 -4.16 4.72 6.42
C PRO B 364 -3.31 4.38 7.65
N PHE B 365 -3.83 3.41 8.42
CA PHE B 365 -3.00 2.74 9.42
C PHE B 365 -2.14 1.69 8.72
N PHE B 366 -0.81 1.77 8.85
CA PHE B 366 0.07 0.91 8.07
C PHE B 366 0.16 -0.52 8.61
N GLY B 367 -0.14 -0.73 9.88
CA GLY B 367 0.17 -2.01 10.51
C GLY B 367 -0.49 -3.20 9.85
N ILE B 368 -1.74 -3.04 9.39
CA ILE B 368 -2.44 -4.16 8.74
C ILE B 368 -1.73 -4.55 7.46
N TYR B 369 -1.26 -3.56 6.70
CA TYR B 369 -0.52 -3.88 5.48
C TYR B 369 0.72 -4.68 5.78
N LEU B 370 1.44 -4.31 6.84
CA LEU B 370 2.68 -5.02 7.20
C LEU B 370 2.38 -6.48 7.54
N THR B 371 1.37 -6.70 8.37
CA THR B 371 1.02 -8.08 8.74
C THR B 371 0.60 -8.89 7.50
N ASN B 372 -0.15 -8.27 6.59
CA ASN B 372 -0.61 -9.04 5.42
C ASN B 372 0.52 -9.33 4.45
N ILE B 373 1.46 -8.39 4.26
CA ILE B 373 2.62 -8.67 3.41
C ILE B 373 3.47 -9.78 4.03
N LEU B 374 3.75 -9.67 5.34
N LEU B 374 3.75 -9.67 5.33
CA LEU B 374 4.57 -10.68 6.00
CA LEU B 374 4.57 -10.68 5.99
C LEU B 374 3.94 -12.06 5.91
C LEU B 374 3.94 -12.06 5.89
N LYS B 375 2.64 -12.16 6.17
CA LYS B 375 1.98 -13.47 6.17
C LYS B 375 1.86 -14.03 4.77
N THR B 376 1.68 -13.16 3.77
CA THR B 376 1.68 -13.65 2.38
C THR B 376 3.04 -14.21 2.00
N GLU B 377 4.12 -13.53 2.41
N GLU B 377 4.12 -13.56 2.45
CA GLU B 377 5.47 -14.02 2.14
CA GLU B 377 5.45 -14.06 2.08
C GLU B 377 5.72 -15.35 2.85
C GLU B 377 5.83 -15.30 2.88
N GLU B 378 5.36 -15.42 4.13
CA GLU B 378 5.70 -16.58 4.94
C GLU B 378 4.84 -17.79 4.61
N GLY B 379 3.60 -17.58 4.17
CA GLY B 379 2.63 -18.64 4.02
C GLY B 379 2.51 -19.23 2.64
N ASN B 380 3.35 -18.81 1.69
CA ASN B 380 3.30 -19.31 0.31
C ASN B 380 4.70 -19.68 -0.13
N PRO B 381 4.86 -20.75 -0.93
CA PRO B 381 6.19 -21.16 -1.34
C PRO B 381 6.75 -20.31 -2.47
N GLU B 382 8.07 -20.21 -2.49
CA GLU B 382 8.74 -19.46 -3.55
C GLU B 382 8.59 -20.14 -4.92
N VAL B 383 8.56 -21.47 -4.94
CA VAL B 383 8.47 -22.19 -6.21
C VAL B 383 7.36 -23.22 -6.14
N LEU B 384 6.85 -23.58 -7.31
CA LEU B 384 5.95 -24.72 -7.45
C LEU B 384 6.67 -25.78 -8.26
N LYS B 385 6.57 -27.03 -7.83
CA LYS B 385 7.22 -28.14 -8.53
C LYS B 385 6.20 -28.84 -9.42
N ARG B 386 6.50 -28.88 -10.72
CA ARG B 386 5.57 -29.42 -11.70
C ARG B 386 6.36 -30.15 -12.78
N HIS B 387 6.02 -31.42 -13.01
CA HIS B 387 6.64 -32.21 -14.08
C HIS B 387 8.17 -32.22 -13.96
N GLY B 388 8.66 -32.30 -12.72
CA GLY B 388 10.09 -32.30 -12.46
C GLY B 388 10.78 -30.96 -12.57
N LYS B 389 10.05 -29.89 -12.89
CA LYS B 389 10.63 -28.56 -13.01
C LYS B 389 10.26 -27.71 -11.80
N GLU B 390 11.08 -26.72 -11.50
CA GLU B 390 10.73 -25.74 -10.49
C GLU B 390 10.28 -24.48 -11.20
N LEU B 391 9.05 -24.05 -10.95
CA LEU B 391 8.50 -22.84 -11.54
C LEU B 391 8.38 -21.76 -10.46
N ILE B 392 8.69 -20.52 -10.83
CA ILE B 392 8.50 -19.40 -9.90
C ILE B 392 7.02 -19.27 -9.58
N ASN B 393 6.69 -19.25 -8.28
CA ASN B 393 5.30 -19.05 -7.84
C ASN B 393 4.97 -17.58 -7.98
N PHE B 394 4.43 -17.18 -9.13
CA PHE B 394 4.18 -15.76 -9.33
C PHE B 394 2.91 -15.28 -8.63
N SER B 395 1.95 -16.18 -8.39
N SER B 395 1.94 -16.18 -8.40
CA SER B 395 0.73 -15.79 -7.69
CA SER B 395 0.73 -15.79 -7.69
C SER B 395 1.05 -15.17 -6.33
C SER B 395 1.05 -15.17 -6.33
N LYS B 396 2.06 -15.70 -5.65
CA LYS B 396 2.47 -15.14 -4.36
C LYS B 396 2.96 -13.71 -4.51
N ARG B 397 3.75 -13.44 -5.55
CA ARG B 397 4.23 -12.09 -5.79
C ARG B 397 3.09 -11.16 -6.18
N ARG B 398 2.14 -11.64 -6.99
CA ARG B 398 0.98 -10.81 -7.31
C ARG B 398 0.23 -10.39 -6.05
N LYS B 399 0.06 -11.31 -5.10
CA LYS B 399 -0.65 -10.95 -3.86
C LYS B 399 0.10 -9.88 -3.07
N VAL B 400 1.43 -9.98 -2.99
CA VAL B 400 2.21 -8.92 -2.33
C VAL B 400 2.04 -7.60 -3.06
N ALA B 401 2.10 -7.62 -4.40
CA ALA B 401 1.98 -6.37 -5.15
C ALA B 401 0.56 -5.80 -5.13
N GLU B 402 -0.45 -6.63 -4.85
CA GLU B 402 -1.77 -6.04 -4.64
C GLU B 402 -1.78 -5.18 -3.40
N ILE B 403 -1.05 -5.60 -2.37
CA ILE B 403 -0.99 -4.81 -1.14
C ILE B 403 -0.16 -3.55 -1.34
N THR B 404 1.03 -3.68 -1.97
CA THR B 404 1.82 -2.47 -2.20
C THR B 404 1.10 -1.52 -3.15
N GLY B 405 0.28 -2.04 -4.07
CA GLY B 405 -0.49 -1.16 -4.94
C GLY B 405 -1.57 -0.41 -4.19
N GLU B 406 -2.21 -1.06 -3.22
N GLU B 406 -2.23 -1.06 -3.23
CA GLU B 406 -3.21 -0.37 -2.39
CA GLU B 406 -3.20 -0.34 -2.41
C GLU B 406 -2.56 0.73 -1.55
C GLU B 406 -2.52 0.77 -1.63
N ILE B 407 -1.38 0.46 -1.01
CA ILE B 407 -0.62 1.48 -0.29
C ILE B 407 -0.35 2.68 -1.20
N GLN B 408 0.16 2.41 -2.41
CA GLN B 408 0.52 3.49 -3.31
C GLN B 408 -0.69 4.31 -3.73
N GLN B 409 -1.85 3.66 -3.87
CA GLN B 409 -3.04 4.40 -4.32
C GLN B 409 -3.40 5.49 -3.31
N TYR B 410 -3.24 5.23 -2.01
CA TYR B 410 -3.54 6.26 -1.01
C TYR B 410 -2.40 7.24 -0.80
N GLN B 411 -1.24 7.04 -1.44
CA GLN B 411 -0.13 7.99 -1.32
C GLN B 411 -0.23 9.13 -2.32
N ASN B 412 -1.22 9.10 -3.21
CA ASN B 412 -1.24 10.06 -4.31
C ASN B 412 -1.86 11.40 -3.90
N GLN B 413 -2.90 11.38 -3.07
CA GLN B 413 -3.74 12.55 -2.85
C GLN B 413 -3.19 13.43 -1.73
N PRO B 414 -2.88 14.70 -1.99
CA PRO B 414 -2.35 15.58 -0.96
C PRO B 414 -3.45 16.31 -0.19
N TYR B 415 -3.15 16.65 1.07
CA TYR B 415 -4.09 17.41 1.90
C TYR B 415 -4.04 18.90 1.58
N CYS B 416 -5.23 19.51 1.50
CA CYS B 416 -5.33 20.95 1.30
C CYS B 416 -5.36 21.64 2.67
N LEU B 417 -4.20 21.62 3.33
CA LEU B 417 -4.01 22.22 4.64
C LEU B 417 -2.68 22.96 4.63
N ARG B 418 -2.63 24.11 5.29
CA ARG B 418 -1.43 24.93 5.35
C ARG B 418 -0.52 24.46 6.47
N VAL B 419 0.77 24.30 6.17
CA VAL B 419 1.76 24.00 7.22
C VAL B 419 1.97 25.21 8.10
N GLU B 420 2.06 24.98 9.41
CA GLU B 420 2.52 25.97 10.38
C GLU B 420 3.87 25.47 10.88
N SER B 421 4.95 26.17 10.51
N SER B 421 4.95 26.17 10.51
CA SER B 421 6.28 25.61 10.67
CA SER B 421 6.28 25.59 10.67
C SER B 421 6.67 25.43 12.14
C SER B 421 6.66 25.42 12.14
N ASP B 422 6.20 26.30 13.02
CA ASP B 422 6.52 26.15 14.45
C ASP B 422 5.73 25.00 15.08
N ILE B 423 4.45 24.87 14.77
CA ILE B 423 3.69 23.72 15.29
C ILE B 423 4.25 22.43 14.73
N LYS B 424 4.62 22.42 13.45
N LYS B 424 4.61 22.43 13.44
CA LYS B 424 5.22 21.24 12.85
CA LYS B 424 5.22 21.26 12.83
C LYS B 424 6.49 20.84 13.58
C LYS B 424 6.49 20.85 13.59
N ARG B 425 7.36 21.82 13.87
CA ARG B 425 8.62 21.52 14.56
C ARG B 425 8.36 21.03 15.98
N PHE B 426 7.35 21.58 16.65
CA PHE B 426 7.00 21.12 17.99
C PHE B 426 6.67 19.63 17.98
N PHE B 427 5.85 19.17 17.03
CA PHE B 427 5.52 17.75 17.01
C PHE B 427 6.64 16.90 16.45
N GLU B 428 7.47 17.46 15.55
CA GLU B 428 8.64 16.71 15.08
C GLU B 428 9.62 16.41 16.21
N ASN B 429 9.75 17.32 17.17
CA ASN B 429 10.73 17.18 18.24
C ASN B 429 10.14 16.59 19.52
N LEU B 430 8.85 16.25 19.53
CA LEU B 430 8.25 15.59 20.68
C LEU B 430 9.04 14.35 21.06
N ASN B 431 9.36 14.21 22.35
CA ASN B 431 10.19 13.10 22.83
C ASN B 431 9.76 12.71 24.23
N PRO B 432 8.57 12.11 24.36
CA PRO B 432 8.03 11.85 25.71
C PRO B 432 8.92 10.97 26.56
N MET B 433 9.63 10.02 25.96
CA MET B 433 10.49 9.13 26.75
C MET B 433 11.78 9.79 27.22
N GLY B 434 12.17 10.93 26.64
CA GLY B 434 13.43 11.53 27.06
C GLY B 434 14.60 10.58 26.80
N ASN B 435 15.49 10.46 27.78
CA ASN B 435 16.60 9.52 27.68
C ASN B 435 16.29 8.15 28.27
N SER B 436 15.07 7.92 28.73
CA SER B 436 14.73 6.66 29.37
C SER B 436 14.54 5.56 28.34
N MET B 437 14.88 4.35 28.74
CA MET B 437 14.55 3.18 27.94
C MET B 437 13.05 2.87 28.04
N GLU B 438 12.57 2.05 27.10
CA GLU B 438 11.13 1.81 26.98
C GLU B 438 10.55 1.20 28.26
N LYS B 439 11.17 0.14 28.78
CA LYS B 439 10.58 -0.51 29.95
C LYS B 439 10.52 0.43 31.14
N GLU B 440 11.64 1.11 31.40
N GLU B 440 11.60 1.18 31.37
CA GLU B 440 11.73 2.18 32.39
CA GLU B 440 11.61 2.10 32.50
C GLU B 440 10.56 3.15 32.27
C GLU B 440 10.60 3.24 32.31
N PHE B 441 10.37 3.67 31.07
CA PHE B 441 9.36 4.70 30.84
C PHE B 441 7.94 4.16 30.99
N THR B 442 7.65 2.97 30.43
CA THR B 442 6.27 2.50 30.56
C THR B 442 5.96 2.05 31.98
N ASP B 443 6.95 1.58 32.73
CA ASP B 443 6.74 1.34 34.16
C ASP B 443 6.46 2.64 34.89
N TYR B 444 7.16 3.72 34.53
CA TYR B 444 6.88 5.02 35.13
C TYR B 444 5.44 5.46 34.88
N LEU B 445 4.96 5.30 33.65
CA LEU B 445 3.58 5.68 33.35
C LEU B 445 2.60 4.87 34.18
N PHE B 446 2.86 3.58 34.34
CA PHE B 446 1.93 2.73 35.08
C PHE B 446 1.96 3.08 36.56
N ASN B 447 3.15 3.36 37.11
CA ASN B 447 3.22 3.76 38.52
C ASN B 447 2.56 5.12 38.74
N LYS B 448 2.65 6.04 37.78
N LYS B 448 2.63 6.01 37.75
CA LYS B 448 1.91 7.29 37.89
CA LYS B 448 1.93 7.29 37.87
C LYS B 448 0.41 7.02 37.94
C LYS B 448 0.42 7.08 37.88
N SER B 449 -0.07 6.15 37.06
CA SER B 449 -1.49 5.79 37.07
C SER B 449 -1.91 5.26 38.44
N LEU B 450 -1.08 4.40 39.04
CA LEU B 450 -1.40 3.89 40.37
C LEU B 450 -1.38 4.98 41.43
N GLU B 451 -0.50 5.97 41.28
CA GLU B 451 -0.46 7.08 42.23
C GLU B 451 -1.74 7.92 42.17
N ILE B 452 -2.17 8.28 40.95
CA ILE B 452 -3.27 9.24 40.83
C ILE B 452 -4.64 8.59 41.06
N GLU B 453 -4.77 7.29 40.80
CA GLU B 453 -6.01 6.56 41.09
C GLU B 453 -5.62 5.19 41.64
N PRO B 454 -5.40 5.10 42.95
CA PRO B 454 -4.94 3.83 43.53
C PRO B 454 -5.97 2.71 43.40
N ARG B 455 -5.46 1.47 43.40
N ARG B 455 -5.46 1.47 43.39
CA ARG B 455 -6.32 0.31 43.36
CA ARG B 455 -6.31 0.29 43.35
C ARG B 455 -7.24 0.28 44.57
C ARG B 455 -7.22 0.26 44.57
N ASN B 456 -8.49 -0.09 44.34
CA ASN B 456 -9.40 -0.31 45.46
C ASN B 456 -8.84 -1.40 46.36
N PRO B 457 -9.04 -1.32 47.70
CA PRO B 457 -9.83 -0.33 48.42
C PRO B 457 -9.05 0.89 48.92
N LYS B 458 -7.88 1.19 48.36
CA LYS B 458 -7.15 2.37 48.78
C LYS B 458 -7.97 3.61 48.44
N PRO B 459 -7.97 4.63 49.30
CA PRO B 459 -8.77 5.83 49.02
C PRO B 459 -8.18 6.65 47.89
N LEU B 460 -9.06 7.38 47.22
CA LEU B 460 -8.63 8.27 46.15
C LEU B 460 -8.07 9.56 46.75
N PRO B 461 -6.81 9.90 46.51
CA PRO B 461 -6.25 11.15 47.03
C PRO B 461 -6.71 12.34 46.20
N ARG B 462 -6.41 13.52 46.73
CA ARG B 462 -6.60 14.79 46.02
C ARG B 462 -5.22 15.32 45.64
N PHE B 463 -5.16 16.08 44.55
CA PHE B 463 -3.90 16.62 44.04
C PHE B 463 -4.10 18.06 43.61
N PRO B 464 -3.08 18.90 43.75
CA PRO B 464 -3.20 20.30 43.34
C PRO B 464 -3.22 20.44 41.81
N LYS B 465 -3.83 21.55 41.36
CA LYS B 465 -3.82 21.93 39.96
C LYS B 465 -2.40 22.26 39.50
N LYS B 466 -2.12 21.95 38.22
CA LYS B 466 -0.83 22.28 37.63
C LYS B 466 -0.90 23.31 36.52
N TYR B 467 -2.10 23.59 35.97
CA TYR B 467 -2.25 24.49 34.83
C TYR B 467 -2.77 25.83 35.32
N SER B 468 -2.11 26.91 34.91
CA SER B 468 -2.51 28.26 35.34
C SER B 468 -3.42 28.96 34.35
N TYR B 469 -3.66 28.38 33.19
CA TYR B 469 -4.45 28.97 32.13
C TYR B 469 -5.81 28.30 32.05
N PRO B 470 -6.78 28.89 31.35
CA PRO B 470 -8.13 28.30 31.30
C PRO B 470 -8.11 26.92 30.65
N LEU B 471 -8.90 26.01 31.20
CA LEU B 471 -9.02 24.66 30.67
C LEU B 471 -10.17 24.52 29.67
N LYS B 472 -11.02 25.52 29.53
CA LYS B 472 -12.15 25.39 28.63
C LYS B 472 -11.67 25.24 27.19
N SER B 473 -12.20 24.23 26.50
CA SER B 473 -11.79 24.02 25.12
C SER B 473 -12.44 25.06 24.20
N PRO B 474 -11.73 25.51 23.16
CA PRO B 474 -12.40 26.33 22.14
C PRO B 474 -13.28 25.51 21.20
N GLY B 475 -13.29 24.18 21.32
CA GLY B 475 -14.11 23.34 20.45
C GLY B 475 -13.40 23.03 19.15
N VAL B 476 -14.03 22.19 18.33
CA VAL B 476 -13.40 21.75 17.10
C VAL B 476 -14.23 22.10 15.85
N ARG B 477 -15.13 23.04 15.97
CA ARG B 477 -15.72 23.56 14.73
C ARG B 477 -14.93 24.78 14.26
N PRO B 478 -14.54 24.84 12.99
CA PRO B 478 -13.63 25.90 12.53
C PRO B 478 -14.32 27.25 12.43
N SER B 479 -13.51 28.30 12.54
CA SER B 479 -13.96 29.69 12.46
C SER B 479 -13.51 30.28 11.13
N ASN B 480 -14.20 31.32 10.67
CA ASN B 480 -13.86 31.91 9.37
C ASN B 480 -14.16 33.40 9.39
N PRO B 481 -13.16 34.22 9.72
CA PRO B 481 -13.29 35.67 9.50
C PRO B 481 -13.16 35.99 8.02
N ARG B 482 -13.51 37.23 7.67
CA ARG B 482 -13.40 37.64 6.27
C ARG B 482 -11.92 37.71 5.89
N GLY C 1 -24.52 -21.47 20.82
CA GLY C 1 -23.91 -22.73 20.46
C GLY C 1 -22.50 -22.92 21.00
N MET C 2 -21.54 -23.07 20.09
CA MET C 2 -20.21 -23.48 20.51
C MET C 2 -19.42 -22.31 21.08
N THR C 3 -18.53 -22.64 22.00
CA THR C 3 -17.67 -21.65 22.63
C THR C 3 -16.65 -21.12 21.63
N GLU C 4 -16.40 -19.81 21.68
CA GLU C 4 -15.34 -19.19 20.91
C GLU C 4 -14.23 -18.77 21.85
N TYR C 5 -12.99 -19.12 21.52
CA TYR C 5 -11.83 -18.74 22.32
C TYR C 5 -11.03 -17.69 21.55
N LYS C 6 -10.76 -16.57 22.20
CA LYS C 6 -9.98 -15.49 21.60
C LYS C 6 -8.53 -15.64 22.07
N LEU C 7 -7.66 -16.07 21.15
CA LEU C 7 -6.27 -16.33 21.46
C LEU C 7 -5.40 -15.27 20.81
N VAL C 8 -4.30 -14.92 21.49
CA VAL C 8 -3.38 -13.90 21.01
C VAL C 8 -1.96 -14.47 21.00
N VAL C 9 -1.27 -14.32 19.87
CA VAL C 9 0.13 -14.73 19.71
C VAL C 9 1.02 -13.51 19.96
N VAL C 10 2.00 -13.65 20.85
CA VAL C 10 2.94 -12.56 21.11
C VAL C 10 4.36 -13.10 21.03
N GLY C 11 5.30 -12.23 20.68
CA GLY C 11 6.70 -12.63 20.66
C GLY C 11 7.50 -11.78 19.71
N ALA C 12 8.82 -11.95 19.78
CA ALA C 12 9.74 -11.15 18.99
C ALA C 12 9.48 -11.31 17.49
N GLY C 13 9.75 -10.23 16.73
CA GLY C 13 9.61 -10.29 15.29
C GLY C 13 10.86 -10.82 14.59
N GLY C 14 10.70 -11.07 13.29
CA GLY C 14 11.81 -11.42 12.43
C GLY C 14 12.35 -12.82 12.59
N VAL C 15 11.66 -13.68 13.33
CA VAL C 15 12.18 -15.02 13.62
C VAL C 15 11.09 -16.08 13.42
N GLY C 16 10.20 -15.87 12.46
CA GLY C 16 9.28 -16.93 12.04
C GLY C 16 8.06 -17.17 12.90
N LYS C 17 7.74 -16.25 13.82
CA LYS C 17 6.57 -16.39 14.69
C LYS C 17 5.29 -16.70 13.91
N SER C 18 5.11 -16.05 12.74
CA SER C 18 3.86 -16.18 12.01
C SER C 18 3.59 -17.59 11.50
N ALA C 19 4.62 -18.44 11.41
CA ALA C 19 4.42 -19.78 10.87
C ALA C 19 3.50 -20.62 11.76
N LEU C 20 3.44 -20.30 13.06
N LEU C 20 3.41 -20.28 13.05
CA LEU C 20 2.60 -21.05 13.98
CA LEU C 20 2.59 -21.08 13.96
C LEU C 20 1.14 -21.03 13.54
C LEU C 20 1.12 -21.03 13.58
N THR C 21 0.58 -19.82 13.42
CA THR C 21 -0.85 -19.71 13.11
C THR C 21 -1.13 -20.06 11.66
N ILE C 22 -0.21 -19.70 10.75
CA ILE C 22 -0.38 -20.06 9.34
C ILE C 22 -0.51 -21.56 9.19
N GLN C 23 0.38 -22.32 9.84
CA GLN C 23 0.34 -23.78 9.65
C GLN C 23 -0.92 -24.39 10.26
N LEU C 24 -1.39 -23.82 11.36
CA LEU C 24 -2.59 -24.30 12.02
C LEU C 24 -3.80 -24.09 11.12
N ILE C 25 -4.09 -22.80 10.88
CA ILE C 25 -5.29 -22.37 10.17
C ILE C 25 -5.25 -22.79 8.73
N GLN C 26 -4.05 -23.07 8.21
CA GLN C 26 -3.90 -23.46 6.83
C GLN C 26 -4.83 -24.62 6.51
N ASN C 27 -5.19 -24.69 5.24
CA ASN C 27 -5.32 -25.99 4.62
C ASN C 27 -4.06 -26.72 5.05
N HIS C 28 -4.13 -27.56 6.10
CA HIS C 28 -2.94 -28.27 6.58
C HIS C 28 -2.11 -28.76 5.40
N PHE C 29 -2.77 -29.37 4.42
CA PHE C 29 -2.15 -30.14 3.35
C PHE C 29 -1.98 -29.40 2.03
N VAL C 30 -2.38 -28.14 1.91
CA VAL C 30 -1.92 -27.33 0.78
C VAL C 30 -1.20 -26.12 1.35
N ASP C 31 0.04 -25.94 0.92
CA ASP C 31 0.89 -24.89 1.47
C ASP C 31 0.62 -23.61 0.69
N GLU C 32 -0.37 -22.86 1.18
CA GLU C 32 -0.88 -21.67 0.54
C GLU C 32 -1.60 -20.82 1.58
N TYR C 33 -1.78 -19.53 1.27
CA TYR C 33 -2.36 -18.63 2.26
C TYR C 33 -2.72 -17.29 1.64
N ASP C 34 -3.93 -16.81 1.93
CA ASP C 34 -4.26 -15.40 1.71
C ASP C 34 -4.72 -14.81 3.05
N PRO C 35 -3.87 -14.04 3.73
CA PRO C 35 -4.25 -13.52 5.05
C PRO C 35 -5.30 -12.44 4.98
N THR C 36 -5.56 -11.87 3.80
CA THR C 36 -6.56 -10.81 3.69
C THR C 36 -7.97 -11.37 3.72
N ILE C 37 -8.11 -12.69 3.60
CA ILE C 37 -9.41 -13.33 3.48
C ILE C 37 -10.09 -13.28 4.85
N GLU C 38 -11.19 -12.52 4.91
CA GLU C 38 -12.06 -12.46 6.07
C GLU C 38 -12.22 -13.84 6.69
N ASP C 39 -11.87 -13.95 7.97
CA ASP C 39 -11.90 -15.22 8.69
C ASP C 39 -10.92 -16.22 8.05
N SER C 40 -9.67 -15.79 7.91
CA SER C 40 -8.52 -16.66 7.70
C SER C 40 -7.73 -16.84 8.98
N TYR C 41 -8.31 -16.44 10.10
CA TYR C 41 -7.75 -16.55 11.44
C TYR C 41 -8.79 -17.14 12.38
N ARG C 42 -9.82 -17.77 11.81
CA ARG C 42 -10.85 -18.50 12.55
C ARG C 42 -10.84 -19.94 12.09
N LYS C 43 -10.97 -20.86 13.04
CA LYS C 43 -10.91 -22.28 12.73
C LYS C 43 -11.75 -23.02 13.74
N GLN C 44 -12.66 -23.86 13.24
CA GLN C 44 -13.46 -24.73 14.08
C GLN C 44 -12.71 -26.03 14.30
N VAL C 45 -12.56 -26.43 15.57
CA VAL C 45 -11.78 -27.60 15.94
C VAL C 45 -12.53 -28.38 17.01
N VAL C 46 -12.15 -29.63 17.17
CA VAL C 46 -12.64 -30.49 18.25
C VAL C 46 -11.48 -30.80 19.17
N ILE C 47 -11.61 -30.40 20.44
CA ILE C 47 -10.58 -30.59 21.45
C ILE C 47 -11.19 -31.39 22.59
N ASP C 48 -10.66 -32.57 22.84
CA ASP C 48 -11.18 -33.48 23.87
C ASP C 48 -12.68 -33.73 23.66
N GLY C 49 -13.06 -33.92 22.40
CA GLY C 49 -14.44 -34.22 22.06
C GLY C 49 -15.39 -33.05 22.07
N GLU C 50 -14.93 -31.84 22.37
CA GLU C 50 -15.80 -30.68 22.45
C GLU C 50 -15.46 -29.71 21.32
N THR C 51 -16.45 -29.45 20.46
CA THR C 51 -16.24 -28.56 19.33
C THR C 51 -16.20 -27.11 19.79
N CYS C 52 -15.27 -26.34 19.24
CA CYS C 52 -15.17 -24.92 19.57
C CYS C 52 -14.57 -24.17 18.39
N LEU C 53 -14.64 -22.85 18.50
CA LEU C 53 -14.14 -21.95 17.46
C LEU C 53 -12.95 -21.18 18.01
N LEU C 54 -11.82 -21.25 17.31
CA LEU C 54 -10.64 -20.48 17.67
C LEU C 54 -10.60 -19.21 16.83
N ASP C 55 -10.44 -18.07 17.49
CA ASP C 55 -10.20 -16.81 16.82
C ASP C 55 -8.80 -16.37 17.24
N ILE C 56 -7.87 -16.32 16.29
CA ILE C 56 -6.46 -16.13 16.63
C ILE C 56 -6.01 -14.77 16.10
N LEU C 57 -5.51 -13.93 17.02
CA LEU C 57 -4.90 -12.66 16.65
C LEU C 57 -3.39 -12.83 16.63
N ASP C 58 -2.78 -12.65 15.45
CA ASP C 58 -1.33 -12.66 15.29
C ASP C 58 -0.98 -11.39 14.52
N THR C 59 -0.41 -10.40 15.21
CA THR C 59 -0.05 -9.14 14.58
C THR C 59 1.40 -9.14 14.08
N ALA C 60 1.95 -10.32 13.79
CA ALA C 60 3.30 -10.43 13.24
C ALA C 60 3.55 -9.37 12.18
N GLY C 61 4.70 -8.69 12.29
CA GLY C 61 5.05 -7.60 11.41
C GLY C 61 4.82 -6.22 12.02
N GLN C 62 4.00 -6.12 13.06
CA GLN C 62 3.71 -4.86 13.72
C GLN C 62 4.51 -4.66 15.01
N GLU C 63 5.60 -5.40 15.18
CA GLU C 63 6.31 -5.37 16.46
C GLU C 63 6.85 -3.98 16.80
N GLU C 64 7.18 -3.17 15.80
CA GLU C 64 7.68 -1.83 16.10
C GLU C 64 6.60 -0.90 16.64
N TYR C 65 5.32 -1.20 16.44
CA TYR C 65 4.23 -0.43 17.07
C TYR C 65 4.10 -0.87 18.52
N SER C 66 5.13 -0.56 19.32
CA SER C 66 5.19 -1.11 20.66
C SER C 66 4.12 -0.56 21.58
N ALA C 67 3.59 0.64 21.30
CA ALA C 67 2.56 1.18 22.16
C ALA C 67 1.18 0.62 21.85
N MET C 68 1.06 -0.24 20.84
CA MET C 68 -0.19 -0.92 20.54
C MET C 68 -0.30 -2.30 21.20
N ARG C 69 0.78 -2.78 21.85
CA ARG C 69 0.71 -4.12 22.44
C ARG C 69 -0.42 -4.24 23.45
N ASP C 70 -0.63 -3.23 24.29
CA ASP C 70 -1.70 -3.32 25.27
C ASP C 70 -3.05 -3.50 24.60
N GLN C 71 -3.32 -2.69 23.56
CA GLN C 71 -4.58 -2.79 22.82
C GLN C 71 -4.79 -4.20 22.28
N TYR C 72 -3.78 -4.75 21.61
CA TYR C 72 -3.91 -6.08 21.02
C TYR C 72 -4.05 -7.15 22.10
N MET C 73 -3.23 -7.08 23.15
CA MET C 73 -3.30 -8.09 24.20
C MET C 73 -4.64 -8.08 24.90
N ARG C 74 -5.24 -6.89 25.04
CA ARG C 74 -6.50 -6.77 25.75
C ARG C 74 -7.61 -7.60 25.10
N THR C 75 -7.52 -7.85 23.79
CA THR C 75 -8.55 -8.62 23.10
C THR C 75 -8.56 -10.10 23.48
N GLY C 76 -7.54 -10.62 24.14
CA GLY C 76 -7.35 -12.05 24.28
C GLY C 76 -7.77 -12.65 25.62
N GLU C 77 -8.21 -13.91 25.57
CA GLU C 77 -8.41 -14.72 26.78
C GLU C 77 -7.24 -15.62 27.12
N GLY C 78 -6.47 -16.03 26.11
CA GLY C 78 -5.32 -16.88 26.34
C GLY C 78 -4.22 -16.46 25.37
N PHE C 79 -2.98 -16.75 25.75
CA PHE C 79 -1.82 -16.21 25.04
C PHE C 79 -0.79 -17.29 24.74
N LEU C 80 -0.26 -17.25 23.52
CA LEU C 80 0.90 -18.05 23.14
C LEU C 80 2.10 -17.10 23.13
N CYS C 81 3.05 -17.30 24.03
CA CYS C 81 4.27 -16.50 24.08
C CYS C 81 5.35 -17.26 23.33
N VAL C 82 5.78 -16.74 22.17
CA VAL C 82 6.60 -17.47 21.21
C VAL C 82 7.99 -16.88 21.16
N PHE C 83 9.00 -17.75 21.22
CA PHE C 83 10.39 -17.36 20.95
C PHE C 83 10.95 -18.35 19.93
N ALA C 84 12.07 -17.98 19.30
CA ALA C 84 12.74 -18.84 18.34
C ALA C 84 13.90 -19.55 19.03
N ILE C 85 14.02 -20.86 18.81
CA ILE C 85 15.03 -21.62 19.55
C ILE C 85 16.45 -21.32 19.09
N ASN C 86 16.62 -20.56 17.99
CA ASN C 86 17.96 -20.12 17.61
C ASN C 86 18.16 -18.62 17.82
N ASN C 87 17.35 -17.99 18.67
CA ASN C 87 17.50 -16.55 18.94
C ASN C 87 17.34 -16.34 20.45
N THR C 88 18.48 -16.24 21.14
N THR C 88 18.47 -16.24 21.15
CA THR C 88 18.44 -16.14 22.59
CA THR C 88 18.42 -16.14 22.61
C THR C 88 17.73 -14.86 23.04
C THR C 88 17.75 -14.85 23.06
N LYS C 89 17.91 -13.76 22.30
CA LYS C 89 17.23 -12.51 22.67
C LYS C 89 15.72 -12.70 22.72
N SER C 90 15.14 -13.39 21.72
CA SER C 90 13.70 -13.61 21.73
C SER C 90 13.27 -14.41 22.96
N PHE C 91 14.13 -15.32 23.42
CA PHE C 91 13.83 -16.07 24.64
C PHE C 91 13.92 -15.17 25.86
N GLU C 92 14.93 -14.30 25.92
CA GLU C 92 15.06 -13.38 27.03
C GLU C 92 13.92 -12.36 27.07
N ASP C 93 13.29 -12.07 25.93
CA ASP C 93 12.14 -11.17 25.90
C ASP C 93 10.89 -11.74 26.58
N ILE C 94 10.83 -13.06 26.79
CA ILE C 94 9.58 -13.68 27.23
C ILE C 94 9.12 -13.11 28.56
N HIS C 95 10.05 -12.92 29.50
CA HIS C 95 9.67 -12.42 30.82
C HIS C 95 8.87 -11.13 30.71
N GLN C 96 9.32 -10.20 29.86
CA GLN C 96 8.64 -8.91 29.77
C GLN C 96 7.29 -9.03 29.08
N TYR C 97 7.16 -9.91 28.08
CA TYR C 97 5.85 -10.17 27.48
C TYR C 97 4.86 -10.69 28.53
N ARG C 98 5.30 -11.64 29.36
CA ARG C 98 4.41 -12.20 30.36
C ARG C 98 4.02 -11.15 31.39
N GLU C 99 4.97 -10.33 31.83
CA GLU C 99 4.64 -9.26 32.77
C GLU C 99 3.64 -8.30 32.16
N GLN C 100 3.77 -8.01 30.87
CA GLN C 100 2.87 -7.07 30.24
C GLN C 100 1.46 -7.65 30.10
N ILE C 101 1.36 -8.94 29.78
CA ILE C 101 0.05 -9.59 29.71
C ILE C 101 -0.64 -9.54 31.07
N LYS C 102 0.11 -9.85 32.14
CA LYS C 102 -0.47 -9.84 33.48
C LYS C 102 -0.99 -8.47 33.83
N ARG C 103 -0.25 -7.42 33.44
CA ARG C 103 -0.69 -6.06 33.73
C ARG C 103 -1.93 -5.71 32.92
N VAL C 104 -1.95 -6.05 31.63
CA VAL C 104 -3.10 -5.72 30.79
C VAL C 104 -4.36 -6.44 31.24
N LYS C 105 -4.24 -7.72 31.61
CA LYS C 105 -5.39 -8.48 32.05
C LYS C 105 -5.70 -8.26 33.53
N ASP C 106 -4.83 -7.54 34.25
CA ASP C 106 -4.99 -7.27 35.69
C ASP C 106 -5.19 -8.57 36.47
N SER C 107 -4.33 -9.54 36.19
CA SER C 107 -4.43 -10.85 36.84
C SER C 107 -3.05 -11.48 36.92
N ASP C 108 -2.80 -12.20 38.01
CA ASP C 108 -1.55 -12.94 38.13
C ASP C 108 -1.63 -14.34 37.54
N ASP C 109 -2.82 -14.74 37.06
CA ASP C 109 -3.05 -16.12 36.57
C ASP C 109 -3.80 -16.03 35.25
N VAL C 110 -3.09 -15.69 34.18
CA VAL C 110 -3.67 -15.59 32.84
C VAL C 110 -3.33 -16.86 32.06
N PRO C 111 -4.29 -17.51 31.40
CA PRO C 111 -3.97 -18.72 30.61
C PRO C 111 -2.94 -18.39 29.54
N MET C 112 -1.83 -19.12 29.56
CA MET C 112 -0.78 -18.86 28.57
C MET C 112 0.08 -20.10 28.43
N VAL C 113 0.74 -20.21 27.28
CA VAL C 113 1.68 -21.28 27.02
C VAL C 113 2.95 -20.66 26.47
N LEU C 114 4.08 -21.29 26.77
CA LEU C 114 5.37 -20.90 26.21
C LEU C 114 5.65 -21.79 24.99
N VAL C 115 6.01 -21.17 23.86
CA VAL C 115 6.23 -21.91 22.62
C VAL C 115 7.64 -21.63 22.12
N GLY C 116 8.43 -22.68 21.94
CA GLY C 116 9.72 -22.57 21.31
C GLY C 116 9.61 -23.03 19.87
N ASN C 117 9.93 -22.12 18.94
CA ASN C 117 9.66 -22.32 17.52
C ASN C 117 10.97 -22.53 16.77
N LYS C 118 11.04 -23.61 15.99
N LYS C 118 11.05 -23.62 16.01
CA LYS C 118 12.19 -23.92 15.14
CA LYS C 118 12.23 -23.88 15.17
C LYS C 118 11.91 -23.34 13.76
C LYS C 118 11.92 -23.34 13.78
N CYS C 119 12.49 -22.19 13.45
CA CYS C 119 12.15 -21.46 12.23
C CYS C 119 13.12 -21.70 11.08
N ASP C 120 14.28 -22.33 11.33
CA ASP C 120 15.16 -22.70 10.24
C ASP C 120 16.15 -23.76 10.74
N LEU C 121 17.16 -24.03 9.93
CA LEU C 121 18.18 -25.03 10.24
C LEU C 121 19.41 -24.41 10.90
N ALA C 122 19.41 -23.10 11.14
CA ALA C 122 20.48 -22.49 11.93
C ALA C 122 20.53 -23.13 13.31
N ALA C 123 21.71 -23.05 13.92
CA ALA C 123 21.99 -23.82 15.12
C ALA C 123 21.13 -23.34 16.29
N ARG C 124 20.56 -24.31 17.01
CA ARG C 124 19.79 -23.97 18.20
C ARG C 124 20.69 -23.34 19.26
N THR C 125 20.20 -22.27 19.89
CA THR C 125 20.93 -21.64 20.99
C THR C 125 20.18 -21.66 22.31
N VAL C 126 18.90 -22.02 22.32
CA VAL C 126 18.13 -22.18 23.55
C VAL C 126 17.83 -23.67 23.68
N GLU C 127 18.38 -24.32 24.69
CA GLU C 127 18.13 -25.73 24.88
C GLU C 127 16.76 -25.96 25.51
N SER C 128 16.17 -27.11 25.18
N SER C 128 16.17 -27.12 25.22
CA SER C 128 14.89 -27.54 25.73
CA SER C 128 14.84 -27.40 25.75
C SER C 128 14.84 -27.35 27.24
C SER C 128 14.81 -27.37 27.27
N ARG C 129 15.90 -27.78 27.93
CA ARG C 129 15.92 -27.73 29.39
C ARG C 129 15.79 -26.30 29.91
N GLN C 130 16.47 -25.35 29.27
CA GLN C 130 16.34 -23.95 29.71
C GLN C 130 14.91 -23.47 29.60
N ALA C 131 14.24 -23.81 28.50
CA ALA C 131 12.87 -23.37 28.29
C ALA C 131 11.90 -24.10 29.21
N GLN C 132 12.11 -25.40 29.44
CA GLN C 132 11.28 -26.12 30.41
C GLN C 132 11.42 -25.50 31.79
N ASP C 133 12.65 -25.18 32.20
CA ASP C 133 12.85 -24.57 33.51
C ASP C 133 12.11 -23.23 33.61
N LEU C 134 12.20 -22.39 32.57
CA LEU C 134 11.48 -21.12 32.59
C LEU C 134 9.97 -21.34 32.71
N ALA C 135 9.42 -22.22 31.87
CA ALA C 135 7.98 -22.50 31.92
C ALA C 135 7.56 -23.01 33.30
N ARG C 136 8.37 -23.89 33.89
CA ARG C 136 8.03 -24.40 35.22
C ARG C 136 8.06 -23.29 36.26
N SER C 137 9.02 -22.37 36.15
CA SER C 137 9.08 -21.27 37.12
C SER C 137 7.83 -20.40 37.03
N TYR C 138 7.19 -20.35 35.86
CA TYR C 138 5.95 -19.60 35.66
C TYR C 138 4.71 -20.42 35.92
N GLY C 139 4.83 -21.75 36.03
CA GLY C 139 3.65 -22.58 36.15
C GLY C 139 2.85 -22.73 34.87
N ILE C 140 3.49 -22.73 33.70
CA ILE C 140 2.76 -22.82 32.43
C ILE C 140 3.38 -23.93 31.59
N PRO C 141 2.63 -24.46 30.62
CA PRO C 141 3.17 -25.49 29.73
C PRO C 141 4.20 -24.95 28.76
N TYR C 142 5.05 -25.85 28.27
CA TYR C 142 6.03 -25.58 27.22
C TYR C 142 5.78 -26.52 26.06
N ILE C 143 5.69 -25.97 24.84
CA ILE C 143 5.52 -26.75 23.63
C ILE C 143 6.56 -26.29 22.63
N GLU C 144 7.23 -27.23 21.96
CA GLU C 144 8.13 -26.88 20.86
C GLU C 144 7.47 -27.21 19.53
N THR C 145 7.70 -26.35 18.53
CA THR C 145 7.04 -26.46 17.24
C THR C 145 8.05 -26.29 16.12
N SER C 146 7.74 -26.88 14.97
CA SER C 146 8.52 -26.66 13.76
C SER C 146 7.75 -25.70 12.85
N ALA C 147 8.46 -24.72 12.30
CA ALA C 147 7.86 -23.77 11.35
C ALA C 147 7.72 -24.36 9.97
N LYS C 148 8.15 -25.60 9.75
CA LYS C 148 8.17 -26.19 8.42
C LYS C 148 7.41 -27.51 8.31
N THR C 149 7.36 -28.33 9.35
CA THR C 149 6.74 -29.64 9.28
C THR C 149 5.38 -29.71 9.94
N ARG C 150 4.93 -28.61 10.57
CA ARG C 150 3.71 -28.50 11.35
C ARG C 150 3.77 -29.28 12.66
N GLN C 151 4.90 -29.89 13.01
CA GLN C 151 4.98 -30.62 14.28
C GLN C 151 4.79 -29.65 15.46
N GLY C 152 4.00 -30.08 16.44
CA GLY C 152 3.77 -29.31 17.65
C GLY C 152 2.73 -28.23 17.53
N VAL C 153 2.28 -27.89 16.32
CA VAL C 153 1.41 -26.73 16.14
C VAL C 153 0.05 -26.96 16.80
N GLU C 154 -0.59 -28.10 16.52
N GLU C 154 -0.58 -28.09 16.50
CA GLU C 154 -1.87 -28.39 17.15
CA GLU C 154 -1.85 -28.42 17.14
C GLU C 154 -1.71 -28.50 18.66
C GLU C 154 -1.70 -28.49 18.65
N ASP C 155 -0.63 -29.12 19.12
CA ASP C 155 -0.40 -29.24 20.57
C ASP C 155 -0.33 -27.87 21.23
N ALA C 156 0.33 -26.90 20.59
CA ALA C 156 0.45 -25.59 21.22
C ALA C 156 -0.91 -24.94 21.42
N PHE C 157 -1.75 -24.96 20.38
CA PHE C 157 -3.05 -24.29 20.49
C PHE C 157 -4.01 -25.08 21.37
N TYR C 158 -4.02 -26.41 21.24
CA TYR C 158 -4.95 -27.20 22.05
C TYR C 158 -4.56 -27.16 23.52
N THR C 159 -3.26 -27.15 23.81
CA THR C 159 -2.82 -27.02 25.20
C THR C 159 -3.30 -25.70 25.79
N LEU C 160 -3.21 -24.60 25.02
CA LEU C 160 -3.70 -23.33 25.52
C LEU C 160 -5.20 -23.36 25.76
N VAL C 161 -5.97 -23.99 24.85
CA VAL C 161 -7.42 -24.08 25.08
C VAL C 161 -7.70 -24.86 26.37
N ARG C 162 -6.94 -25.93 26.62
CA ARG C 162 -7.12 -26.67 27.87
C ARG C 162 -6.79 -25.80 29.09
N GLU C 163 -5.79 -24.92 28.96
CA GLU C 163 -5.49 -24.00 30.06
C GLU C 163 -6.66 -23.04 30.31
N ILE C 164 -7.31 -22.58 29.25
CA ILE C 164 -8.48 -21.72 29.43
C ILE C 164 -9.61 -22.50 30.09
N ARG C 165 -9.88 -23.72 29.59
CA ARG C 165 -10.98 -24.51 30.12
C ARG C 165 -10.79 -24.84 31.59
N GLN C 166 -9.55 -25.02 32.03
CA GLN C 166 -9.26 -25.42 33.40
C GLN C 166 -8.87 -24.24 34.28
N HIS C 167 -9.07 -23.02 33.81
CA HIS C 167 -8.67 -21.85 34.59
C HIS C 167 -9.49 -21.77 35.87
PG GNP D . 2.04 11.16 -25.62
O1G GNP D . 2.14 10.27 -24.39
O2G GNP D . 3.33 11.12 -26.40
O3G GNP D . 0.84 10.74 -26.50
N3B GNP D . 1.83 12.78 -25.14
PB GNP D . 0.64 13.27 -24.10
O1B GNP D . 0.56 12.39 -22.89
O2B GNP D . -0.67 13.43 -24.83
O3A GNP D . 1.10 14.77 -23.65
PA GNP D . 1.85 15.17 -22.31
O1A GNP D . 0.89 15.01 -21.13
O2A GNP D . 3.17 14.47 -22.25
O5' GNP D . 2.06 16.71 -22.53
C5' GNP D . 2.81 17.21 -23.67
C4' GNP D . 3.29 18.60 -23.34
O4' GNP D . 2.16 19.49 -23.26
C3' GNP D . 4.05 18.75 -22.03
O3' GNP D . 5.11 19.70 -22.18
C2' GNP D . 2.99 19.28 -21.06
O2' GNP D . 3.53 20.06 -20.01
C1' GNP D . 2.15 20.15 -22.00
N9 GNP D . 0.74 20.25 -21.56
C8 GNP D . -0.11 19.21 -21.31
N7 GNP D . -1.31 19.60 -20.93
C5 GNP D . -1.22 20.99 -20.92
C6 GNP D . -2.20 22.00 -20.59
O6 GNP D . -3.35 21.83 -20.23
N1 GNP D . -1.69 23.27 -20.73
C2 GNP D . -0.42 23.58 -21.13
N2 GNP D . -0.11 24.88 -21.22
N3 GNP D . 0.50 22.66 -21.45
C4 GNP D . 0.04 21.40 -21.32
MG MG E . 1.55 10.62 -22.47
N1 FFY F . -12.41 2.74 28.39
N3 FFY F . -12.40 1.65 30.58
C4 FFY F . -10.69 4.82 29.82
C5 FFY F . -10.83 5.23 28.45
C6 FFY F . -10.41 6.47 28.05
C7 FFY F . -9.83 7.33 29.01
C8 FFY F . -9.71 6.92 30.32
C10 FFY F . -13.31 0.73 30.11
C13 FFY F . -15.20 -1.14 29.24
C15 FFY F . -13.83 0.78 28.80
C17 FFY F . -11.87 -0.65 32.53
C20 FFY F . -14.14 -0.51 33.49
C21 FFY F . -12.08 2.26 24.88
C22 FFY F . -11.04 3.13 24.19
N FFY F . -13.69 1.89 26.64
C FFY F . -14.26 3.43 24.82
C1 FFY F . -13.14 2.93 25.75
C11 FFY F . -13.76 -0.31 31.00
C12 FFY F . -14.69 -1.21 30.56
C14 FFY F . -14.77 -0.16 28.38
C16 FFY F . -13.18 -0.48 32.34
C18 FFY F . -11.24 -0.89 33.87
C19 FFY F . -13.56 -1.34 34.65
C2 FFY F . -13.30 1.82 27.96
C23 FFY F . -10.63 2.25 25.35
C3 FFY F . -12.02 2.61 29.69
C9 FFY F . -10.13 5.68 30.74
F FFY F . -9.39 8.52 28.67
N2 FFY F . -11.22 3.59 30.28
N4 FFY F . -12.21 -0.83 34.99
CL FFY F . -9.02 8.00 31.45
C FMT G . -0.13 -13.70 -34.46
O1 FMT G . 0.81 -14.48 -34.63
O2 FMT G . -0.22 -12.90 -33.54
C FMT H . -1.79 36.78 17.26
O1 FMT H . -1.66 36.70 18.48
O2 FMT H . -2.68 36.22 16.61
C FMT I . 1.79 -0.70 -25.29
O1 FMT I . 2.39 -1.52 -24.60
O2 FMT I . 0.97 -0.99 -26.16
C FMT J . 5.42 -13.30 -27.75
O1 FMT J . 5.63 -12.11 -27.59
O2 FMT J . 4.52 -13.74 -28.48
C FMT K . -1.27 27.09 39.00
O1 FMT K . -2.39 26.59 38.95
O2 FMT K . -0.22 26.46 39.10
C1 GOL L . 0.52 17.50 0.87
O1 GOL L . 1.38 17.94 -0.16
C2 GOL L . 1.42 16.62 1.73
O2 GOL L . 2.41 17.40 2.32
C3 GOL L . 0.48 15.88 2.77
O3 GOL L . -0.67 15.37 2.12
C1 GOL M . -10.09 20.43 10.07
O1 GOL M . -9.48 21.07 9.00
C2 GOL M . -11.43 21.14 10.36
O2 GOL M . -12.07 21.52 9.20
C3 GOL M . -12.26 20.10 11.12
O3 GOL M . -12.60 20.66 12.35
C FMT N . 7.42 -13.04 11.99
O1 FMT N . 6.74 -14.00 11.65
O2 FMT N . 7.15 -12.23 12.90
NA NA O . 20.96 -16.61 19.70
#